data_9OCG
#
_entry.id   9OCG
#
_cell.length_a   1.00
_cell.length_b   1.00
_cell.length_c   1.00
_cell.angle_alpha   90.00
_cell.angle_beta   90.00
_cell.angle_gamma   90.00
#
_symmetry.space_group_name_H-M   'P 1'
#
loop_
_entity.id
_entity.type
_entity.pdbx_description
1 polymer 'Antigen peptide transporter 2'
2 polymer 'TAP transport inhibitor BNLF2a'
3 polymer 'Antigen peptide transporter 1'
#
loop_
_entity_poly.entity_id
_entity_poly.type
_entity_poly.pdbx_seq_one_letter_code
_entity_poly.pdbx_strand_id
1 'polypeptide(L)'
;MRLPDLRPWTSLLLVDAALLWLLQGPLGTLLPQGLPGLWLEGTLRLGGLWGLLKLRGLLGFVGTLLLPLCLATPLTVSLR
ALVAGASRAPPARVASAPWSWLLVGYGAAGLSWSLWAVLSPPGAQEKEQDQVNNKVLMWRLLKLSRPDLPLLVAAFFFLV
LAVLGETLIPHYSGRVIDILGGDFDPHAFASAIFFMCLFSFGSSLSAGCRGGCFTYTMSRINLRIREQLFSSLLRQDLGF
FQETKTGELNSRLSSDTTLMSNWLPLNANVLLRSLVKVVGLYGFMLSISPRLTLLSLLHMPFTIAAEKVYNTRHQEVLRE
IQDAVARAGQVVREAVGGLQTVRSFGAEEHEVCRYKEALEQCRQLYWRRDLERALYLLVRRVLHLGVQMLMLSCGLQQMQ
DGELTQGSLLSFMIYQESVGSYVQTLVYIYGDMLSNVGAAEKVFSYMDRQPNLPSPGTLAPTTLQGVVKFQDVSFAYPNR
PDRPVLKGLTFTLRPGEVTALVGPNGSGKSTVAALLQNLYQPTGGQVLLDEKPISQYEHCYLHSQVVSVGQEPVLFSGSV
RNNIAYGLQSCEDDKVMAAAQAAHADDFIQEMEHGIYTDVGEKGSQLAAGQKQRLAIARALVRDPRVLILDEATSALDVQ
CEQALQDWNSRGDRTVLVIAHRLQTVQRAHQILVLQEGKLQKLAQL
;
B
2 'polypeptide(L)'
;GPTAAAAMGRGVPHIVMVDAYKRYKGGGSGGSGGGMVHVLERALLEQQSSACGLPGSSTETRPSHPCPEDPDVSRLRLLL
VVLCVLFGLLCLLLI
;
C
3 'polypeptide(L)'
;MASSRCPAPRGCRCLPGASLAWLGTVLLLLADWVLLRTALPRIFSLLVPTALPLLRVWAVGLSRWAVLWLGACGVLRATV
GSKSENAGAQGWLAALKPLAAALGLALPGLALFRELISWGAPGSADSTRLLHWGSHPTAFVVSYAAALPAAALWHKLGSL
WVPGGQGGSGNPVRRLLGCLGSETRRLSLFLVLVVLSSLGEMAIPFFTGRLTDWILQDGSADTFTRNLTLMSILTIASAV
LEFVGDGIYNNTMGHVHSHLQGEVFGAVLRQETEFFQQNQTGNIMSRVTEDTSTLSDSLSENLSLFLWYLVRGLCLLGIM
LWGSVSLTMVTLITLPLLFLLPKKVGKWYQLLEVQVRESLAKSSQVAIEALSAMPTVRSFANEEGEAQKFREKLQEIKTL
NQKEAVAYAVNSWTTSISGMLLKVGILYIGGQLVTSGAVSSGNLVTFVLYQMQFTQAVEVLLSIYPRVQKAVGSSEKIFE
YLDRTPRCPPSGLLTPLHLEGLVQFQDVSFAYPNRPDVLVLQGLTFTLRPGEVTALVGPNGSGKSTVAALLQNLYQPTGG
QLLLDGKPLPQYEHRYLHRQVAAVGQEPQVFGRSLQENIAYGLTQKPTMEEITAAAVKSGAHSFISGLPQGYDTEVDEAG
SQLSGGQRQAVALARALIRKPCVLILDDATSALDANSQLQVEQLLYESPERYSRSVLLITQHLSLVEQADHILFLEGGAI
REGGTHQQLMEKKGCYWAMVQAPADAPESAQLEGSGGGAMVTTLSGLSGEQGPSGDMTTEEDSATHIKFSKRDEDGRELA
GATMELRDSSGKTISTWISDGHVKDFYLYPGKYTFVETAAPDGYEVATPIEFTVNEDGQVTVDGEATEGDAHTSGGGHHH
HHHHHHH
;
A
#
# COMPACT_ATOMS: atom_id res chain seq x y z
N GLN A 131 8.58 -23.03 5.13
CA GLN A 131 9.01 -22.94 6.54
C GLN A 131 10.51 -22.65 6.68
N VAL A 132 11.41 -23.57 6.29
CA VAL A 132 12.87 -23.40 6.47
C VAL A 132 13.46 -22.24 5.65
N ASN A 133 12.77 -21.81 4.59
CA ASN A 133 13.11 -20.63 3.80
C ASN A 133 13.30 -19.38 4.70
N ASN A 134 12.46 -19.18 5.73
CA ASN A 134 12.65 -18.09 6.68
C ASN A 134 13.96 -18.25 7.45
N LYS A 135 14.23 -19.43 8.00
CA LYS A 135 15.45 -19.65 8.78
C LYS A 135 16.71 -19.47 7.93
N VAL A 136 16.75 -19.96 6.69
CA VAL A 136 17.92 -19.71 5.83
C VAL A 136 18.06 -18.23 5.47
N LEU A 137 16.97 -17.50 5.23
CA LEU A 137 17.07 -16.05 5.02
C LEU A 137 17.60 -15.34 6.29
N MET A 138 17.19 -15.74 7.48
CA MET A 138 17.80 -15.16 8.69
C MET A 138 19.29 -15.43 8.76
N TRP A 139 19.75 -16.64 8.45
CA TRP A 139 21.18 -16.90 8.43
C TRP A 139 21.91 -16.05 7.37
N ARG A 140 21.31 -15.80 6.20
CA ARG A 140 21.85 -14.89 5.19
C ARG A 140 21.97 -13.47 5.75
N LEU A 141 20.93 -12.93 6.40
CA LEU A 141 20.99 -11.59 7.01
C LEU A 141 22.05 -11.48 8.12
N LEU A 142 22.23 -12.51 8.94
CA LEU A 142 23.30 -12.49 9.93
C LEU A 142 24.67 -12.48 9.26
N LYS A 143 24.92 -13.34 8.26
CA LYS A 143 26.19 -13.33 7.52
C LYS A 143 26.46 -11.99 6.84
N LEU A 144 25.45 -11.33 6.30
CA LEU A 144 25.55 -10.02 5.68
C LEU A 144 26.05 -8.93 6.64
N SER A 145 25.88 -9.12 7.95
CA SER A 145 26.29 -8.16 8.96
C SER A 145 27.71 -8.34 9.51
N ARG A 146 28.47 -9.39 9.13
CA ARG A 146 29.73 -9.74 9.80
C ARG A 146 30.77 -8.60 9.88
N PRO A 147 30.99 -7.77 8.87
CA PRO A 147 31.91 -6.64 8.98
C PRO A 147 31.55 -5.59 10.05
N ASP A 148 30.31 -5.58 10.54
CA ASP A 148 29.81 -4.61 11.53
C ASP A 148 29.90 -5.08 12.98
N LEU A 149 30.49 -6.23 13.27
CA LEU A 149 30.55 -6.76 14.65
C LEU A 149 31.05 -5.74 15.68
N PRO A 150 32.08 -4.91 15.44
CA PRO A 150 32.50 -3.95 16.45
C PRO A 150 31.40 -2.94 16.81
N LEU A 151 30.63 -2.45 15.84
CA LEU A 151 29.54 -1.52 16.15
C LEU A 151 28.41 -2.19 16.92
N LEU A 152 28.03 -3.41 16.54
CA LEU A 152 26.97 -4.12 17.25
C LEU A 152 27.40 -4.52 18.67
N VAL A 153 28.67 -4.87 18.88
CA VAL A 153 29.21 -5.12 20.22
C VAL A 153 29.20 -3.86 21.08
N ALA A 154 29.67 -2.73 20.56
CA ALA A 154 29.63 -1.48 21.32
C ALA A 154 28.20 -1.05 21.66
N ALA A 155 27.26 -1.17 20.72
CA ALA A 155 25.86 -0.85 20.98
C ALA A 155 25.26 -1.77 22.05
N PHE A 156 25.50 -3.08 22.00
CA PHE A 156 25.08 -3.99 23.06
C PHE A 156 25.65 -3.58 24.42
N PHE A 157 26.93 -3.22 24.48
CA PHE A 157 27.58 -2.88 25.74
C PHE A 157 27.02 -1.58 26.32
N PHE A 158 26.81 -0.56 25.50
CA PHE A 158 26.14 0.66 25.94
C PHE A 158 24.66 0.44 26.29
N LEU A 159 23.95 -0.50 25.68
CA LEU A 159 22.58 -0.82 26.07
C LEU A 159 22.52 -1.49 27.44
N VAL A 160 23.38 -2.48 27.70
CA VAL A 160 23.46 -3.10 29.02
C VAL A 160 23.84 -2.08 30.08
N LEU A 161 24.82 -1.21 29.83
CA LEU A 161 25.19 -0.15 30.76
C LEU A 161 24.05 0.85 30.98
N ALA A 162 23.31 1.24 29.94
CA ALA A 162 22.20 2.18 30.10
C ALA A 162 21.06 1.59 30.91
N VAL A 163 20.72 0.32 30.72
CA VAL A 163 19.64 -0.33 31.47
C VAL A 163 19.99 -0.51 32.94
N LEU A 164 21.19 -1.02 33.24
CA LEU A 164 21.70 -1.10 34.61
C LEU A 164 21.70 0.27 35.30
N GLY A 165 22.04 1.34 34.58
CA GLY A 165 22.04 2.69 35.14
C GLY A 165 20.66 3.35 35.25
N GLU A 166 19.63 2.82 34.60
CA GLU A 166 18.26 3.36 34.70
C GLU A 166 17.48 2.75 35.87
N THR A 167 17.55 1.44 36.07
CA THR A 167 16.78 0.77 37.11
C THR A 167 17.34 0.98 38.51
N LEU A 168 18.54 1.53 38.64
CA LEU A 168 19.15 1.86 39.93
C LEU A 168 18.48 3.08 40.58
N ILE A 169 17.87 3.97 39.80
CA ILE A 169 17.22 5.17 40.35
C ILE A 169 16.13 4.79 41.37
N PRO A 170 15.16 3.91 41.09
CA PRO A 170 14.20 3.48 42.10
C PRO A 170 14.82 2.88 43.36
N HIS A 171 15.93 2.15 43.29
CA HIS A 171 16.62 1.67 44.48
C HIS A 171 17.18 2.81 45.33
N TYR A 172 17.93 3.73 44.74
CA TYR A 172 18.45 4.87 45.48
C TYR A 172 17.32 5.81 45.93
N SER A 173 16.21 5.88 45.22
CA SER A 173 15.05 6.65 45.65
C SER A 173 14.41 6.04 46.90
N GLY A 174 14.35 4.73 47.01
CA GLY A 174 13.98 4.09 48.27
C GLY A 174 14.95 4.47 49.39
N ARG A 175 16.26 4.46 49.12
CA ARG A 175 17.26 4.88 50.12
C ARG A 175 17.05 6.32 50.58
N VAL A 176 16.71 7.25 49.69
CA VAL A 176 16.35 8.61 50.06
C VAL A 176 15.12 8.65 50.97
N ILE A 177 14.04 7.95 50.64
CA ILE A 177 12.82 7.96 51.48
C ILE A 177 13.09 7.37 52.86
N ASP A 178 13.96 6.36 52.97
CA ASP A 178 14.41 5.83 54.26
C ASP A 178 15.20 6.87 55.07
N ILE A 179 16.05 7.67 54.43
CA ILE A 179 16.82 8.74 55.07
C ILE A 179 15.93 9.89 55.56
N LEU A 180 14.86 10.24 54.84
CA LEU A 180 13.96 11.32 55.24
C LEU A 180 13.04 10.97 56.41
N GLY A 181 12.79 9.68 56.66
CA GLY A 181 12.06 9.23 57.85
C GLY A 181 12.93 9.22 59.12
N GLY A 182 12.38 9.63 60.25
CA GLY A 182 13.15 9.77 61.49
C GLY A 182 14.07 10.99 61.49
N ASP A 183 15.24 10.89 62.13
CA ASP A 183 16.20 12.00 62.19
C ASP A 183 16.91 12.23 60.85
N PHE A 184 16.79 13.43 60.29
CA PHE A 184 17.48 13.82 59.07
C PHE A 184 18.99 13.98 59.25
N ASP A 185 19.78 13.23 58.49
CA ASP A 185 21.23 13.40 58.41
C ASP A 185 21.62 13.99 57.04
N PRO A 186 22.13 15.24 56.99
CA PRO A 186 22.61 15.85 55.76
C PRO A 186 23.65 15.03 55.00
N HIS A 187 24.53 14.30 55.72
CA HIS A 187 25.68 13.63 55.12
C HIS A 187 25.27 12.42 54.29
N ALA A 188 24.20 11.73 54.67
CA ALA A 188 23.62 10.66 53.86
C ALA A 188 22.72 11.21 52.76
N PHE A 189 21.87 12.19 53.07
CA PHE A 189 20.93 12.74 52.08
C PHE A 189 21.64 13.39 50.89
N ALA A 190 22.60 14.27 51.13
CA ALA A 190 23.34 14.91 50.05
C ALA A 190 24.10 13.89 49.20
N SER A 191 24.69 12.87 49.83
CA SER A 191 25.38 11.78 49.12
C SER A 191 24.41 11.01 48.21
N ALA A 192 23.25 10.61 48.70
CA ALA A 192 22.27 9.90 47.90
C ALA A 192 21.75 10.74 46.72
N ILE A 193 21.52 12.04 46.89
CA ILE A 193 21.15 12.91 45.77
C ILE A 193 22.28 13.04 44.75
N PHE A 194 23.53 13.18 45.21
CA PHE A 194 24.67 13.24 44.30
C PHE A 194 24.80 11.94 43.47
N PHE A 195 24.72 10.78 44.10
CA PHE A 195 24.72 9.52 43.37
C PHE A 195 23.56 9.43 42.38
N MET A 196 22.36 9.90 42.73
CA MET A 196 21.23 9.92 41.80
C MET A 196 21.50 10.75 40.56
N CYS A 197 22.13 11.92 40.71
CA CYS A 197 22.55 12.71 39.58
C CYS A 197 23.57 11.93 38.74
N LEU A 198 24.62 11.41 39.35
CA LEU A 198 25.72 10.77 38.63
C LEU A 198 25.25 9.56 37.82
N PHE A 199 24.42 8.68 38.40
CA PHE A 199 23.87 7.57 37.63
C PHE A 199 22.92 8.03 36.54
N SER A 200 22.10 9.07 36.75
CA SER A 200 21.24 9.58 35.67
C SER A 200 22.03 10.19 34.51
N PHE A 201 23.16 10.81 34.81
CA PHE A 201 24.08 11.35 33.82
C PHE A 201 24.73 10.22 33.03
N GLY A 202 25.30 9.22 33.71
CA GLY A 202 25.91 8.05 33.08
C GLY A 202 24.94 7.23 32.24
N SER A 203 23.72 6.98 32.72
CA SER A 203 22.69 6.36 31.89
C SER A 203 22.43 7.18 30.65
N SER A 204 22.13 8.48 30.77
CA SER A 204 21.78 9.26 29.58
C SER A 204 22.90 9.27 28.56
N LEU A 205 24.15 9.51 28.98
CA LEU A 205 25.30 9.45 28.08
C LEU A 205 25.42 8.09 27.38
N SER A 206 25.28 6.98 28.10
CA SER A 206 25.34 5.66 27.48
C SER A 206 24.17 5.42 26.53
N ALA A 207 22.98 5.92 26.81
CA ALA A 207 21.84 5.78 25.90
C ALA A 207 22.08 6.56 24.59
N GLY A 208 22.64 7.76 24.69
CA GLY A 208 23.02 8.54 23.53
C GLY A 208 24.09 7.83 22.67
N CYS A 209 25.16 7.31 23.26
CA CYS A 209 26.18 6.57 22.50
C CYS A 209 25.65 5.29 21.87
N ARG A 210 24.74 4.56 22.53
CA ARG A 210 24.07 3.42 21.92
C ARG A 210 23.27 3.84 20.69
N GLY A 211 22.40 4.84 20.82
CA GLY A 211 21.52 5.22 19.71
C GLY A 211 22.28 5.71 18.49
N GLY A 212 23.43 6.38 18.70
CA GLY A 212 24.35 6.71 17.62
C GLY A 212 24.90 5.46 16.93
N CYS A 213 25.49 4.54 17.69
CA CYS A 213 26.06 3.33 17.11
C CYS A 213 25.06 2.49 16.32
N PHE A 214 23.86 2.26 16.84
CA PHE A 214 22.85 1.52 16.07
C PHE A 214 22.48 2.23 14.77
N THR A 215 22.30 3.55 14.78
CA THR A 215 21.92 4.28 13.56
C THR A 215 23.05 4.30 12.54
N TYR A 216 24.32 4.32 12.97
CA TYR A 216 25.43 4.26 12.03
C TYR A 216 25.51 2.88 11.39
N THR A 217 25.54 1.77 12.15
CA THR A 217 25.66 0.45 11.51
C THR A 217 24.48 0.17 10.60
N MET A 218 23.27 0.56 10.99
CA MET A 218 22.09 0.44 10.15
C MET A 218 22.29 1.08 8.78
N SER A 219 22.92 2.23 8.71
CA SER A 219 23.18 2.86 7.44
C SER A 219 24.35 2.21 6.71
N ARG A 220 25.41 1.76 7.40
CA ARG A 220 26.55 1.12 6.73
C ARG A 220 26.11 -0.15 6.02
N ILE A 221 25.30 -0.99 6.65
CA ILE A 221 24.81 -2.19 5.97
C ILE A 221 23.87 -1.83 4.81
N ASN A 222 23.14 -0.72 4.90
CA ASN A 222 22.32 -0.26 3.78
C ASN A 222 23.15 0.15 2.56
N LEU A 223 24.22 0.91 2.75
CA LEU A 223 25.13 1.25 1.64
C LEU A 223 25.84 0.05 1.01
N ARG A 224 26.29 -0.92 1.81
CA ARG A 224 26.93 -2.13 1.26
C ARG A 224 25.96 -3.03 0.51
N ILE A 225 24.77 -3.27 1.02
CA ILE A 225 23.86 -4.20 0.34
C ILE A 225 23.37 -3.56 -0.96
N ARG A 226 23.16 -2.25 -1.08
CA ARG A 226 22.90 -1.63 -2.40
C ARG A 226 24.06 -1.85 -3.35
N GLU A 227 25.29 -1.70 -2.89
CA GLU A 227 26.47 -1.86 -3.74
C GLU A 227 26.64 -3.31 -4.20
N GLN A 228 26.44 -4.29 -3.32
CA GLN A 228 26.48 -5.70 -3.72
C GLN A 228 25.36 -6.05 -4.70
N LEU A 229 24.14 -5.57 -4.46
CA LEU A 229 23.02 -5.83 -5.36
C LEU A 229 23.32 -5.28 -6.76
N PHE A 230 23.72 -4.02 -6.88
CA PHE A 230 24.05 -3.47 -8.20
C PHE A 230 25.24 -4.18 -8.84
N SER A 231 26.29 -4.51 -8.09
CA SER A 231 27.44 -5.25 -8.63
C SER A 231 27.11 -6.69 -9.02
N SER A 232 26.05 -7.29 -8.49
CA SER A 232 25.60 -8.61 -8.93
C SER A 232 24.75 -8.54 -10.21
N LEU A 233 23.85 -7.55 -10.33
CA LEU A 233 22.97 -7.44 -11.50
C LEU A 233 23.70 -7.15 -12.81
N LEU A 234 24.81 -6.41 -12.80
CA LEU A 234 25.52 -6.02 -14.03
C LEU A 234 26.16 -7.19 -14.81
N ARG A 235 26.08 -8.42 -14.32
CA ARG A 235 26.74 -9.59 -14.93
C ARG A 235 25.75 -10.57 -15.58
N GLN A 236 24.46 -10.25 -15.56
CA GLN A 236 23.40 -11.06 -16.14
C GLN A 236 23.40 -11.02 -17.68
N ASP A 237 22.75 -12.00 -18.31
CA ASP A 237 22.48 -11.99 -19.76
C ASP A 237 21.46 -10.92 -20.16
N LEU A 238 21.36 -10.64 -21.45
CA LEU A 238 20.37 -9.71 -21.99
C LEU A 238 18.92 -10.16 -21.73
N GLY A 239 18.67 -11.47 -21.74
CA GLY A 239 17.34 -12.04 -21.61
C GLY A 239 16.68 -11.72 -20.27
N PHE A 240 17.45 -11.69 -19.18
CA PHE A 240 16.95 -11.22 -17.90
C PHE A 240 16.38 -9.79 -17.99
N PHE A 241 17.08 -8.86 -18.64
CA PHE A 241 16.60 -7.48 -18.79
C PHE A 241 15.50 -7.33 -19.84
N GLN A 242 15.42 -8.23 -20.81
CA GLN A 242 14.29 -8.28 -21.73
C GLN A 242 13.01 -8.75 -21.02
N GLU A 243 13.12 -9.66 -20.06
CA GLU A 243 12.00 -10.12 -19.25
C GLU A 243 11.61 -9.14 -18.13
N THR A 244 12.53 -8.87 -17.20
CA THR A 244 12.29 -8.07 -16.00
C THR A 244 12.15 -6.58 -16.31
N LYS A 245 11.10 -5.94 -15.82
CA LYS A 245 10.79 -4.54 -16.14
C LYS A 245 11.72 -3.57 -15.41
N THR A 246 12.07 -2.46 -16.03
CA THR A 246 12.93 -1.42 -15.43
C THR A 246 12.32 -0.83 -14.15
N GLY A 247 11.00 -0.65 -14.11
CA GLY A 247 10.30 -0.15 -12.91
C GLY A 247 10.33 -1.12 -11.74
N GLU A 248 10.41 -2.43 -11.99
CA GLU A 248 10.51 -3.44 -10.94
C GLU A 248 11.91 -3.38 -10.30
N LEU A 249 12.98 -3.38 -11.10
CA LEU A 249 14.35 -3.22 -10.59
C LEU A 249 14.54 -1.90 -9.84
N ASN A 250 14.01 -0.79 -10.34
CA ASN A 250 14.01 0.49 -9.62
C ASN A 250 13.37 0.35 -8.24
N SER A 251 12.20 -0.27 -8.18
CA SER A 251 11.49 -0.48 -6.92
C SER A 251 12.28 -1.30 -5.89
N ARG A 252 12.76 -2.50 -6.24
CA ARG A 252 13.53 -3.35 -5.32
C ARG A 252 14.91 -2.82 -4.90
N LEU A 253 15.58 -2.09 -5.78
CA LEU A 253 16.86 -1.47 -5.48
C LEU A 253 16.61 -0.33 -4.49
N SER A 254 15.62 0.53 -4.77
CA SER A 254 15.35 1.72 -3.95
C SER A 254 14.60 1.43 -2.64
N SER A 255 13.67 0.46 -2.64
CA SER A 255 12.78 0.14 -1.51
C SER A 255 13.36 -0.95 -0.60
N ASP A 256 13.46 -2.19 -1.09
CA ASP A 256 13.65 -3.36 -0.22
C ASP A 256 15.03 -3.41 0.41
N THR A 257 16.03 -2.71 -0.11
CA THR A 257 17.32 -2.58 0.58
C THR A 257 17.20 -1.83 1.90
N THR A 258 16.29 -0.85 1.98
CA THR A 258 16.00 -0.13 3.23
C THR A 258 15.22 -1.02 4.20
N LEU A 259 14.11 -1.65 3.77
CA LEU A 259 13.38 -2.58 4.62
C LEU A 259 14.22 -3.78 5.08
N MET A 260 15.21 -4.21 4.32
CA MET A 260 16.17 -5.24 4.71
C MET A 260 17.20 -4.75 5.73
N SER A 261 17.73 -3.53 5.60
CA SER A 261 18.69 -2.99 6.56
C SER A 261 18.05 -2.55 7.88
N ASN A 262 16.76 -2.22 7.89
CA ASN A 262 16.04 -1.93 9.12
C ASN A 262 15.64 -3.18 9.93
N TRP A 263 16.16 -4.38 9.59
CA TRP A 263 15.93 -5.64 10.31
C TRP A 263 16.79 -5.81 11.56
N LEU A 264 18.09 -6.12 11.43
CA LEU A 264 18.90 -6.47 12.60
C LEU A 264 19.02 -5.32 13.61
N PRO A 265 19.34 -4.09 13.22
CA PRO A 265 19.50 -2.99 14.16
C PRO A 265 18.25 -2.71 14.99
N LEU A 266 17.05 -2.56 14.41
CA LEU A 266 15.84 -2.33 15.20
C LEU A 266 15.54 -3.52 16.10
N ASN A 267 15.51 -4.74 15.53
CA ASN A 267 14.96 -5.87 16.24
C ASN A 267 15.89 -6.46 17.30
N ALA A 268 17.20 -6.46 17.07
CA ALA A 268 18.16 -6.84 18.11
C ALA A 268 18.11 -5.84 19.27
N ASN A 269 17.93 -4.55 19.01
CA ASN A 269 17.81 -3.54 20.05
C ASN A 269 16.61 -3.82 20.97
N VAL A 270 15.40 -3.94 20.42
CA VAL A 270 14.22 -4.14 21.27
C VAL A 270 14.26 -5.47 22.00
N LEU A 271 14.73 -6.55 21.37
CA LEU A 271 14.85 -7.84 22.04
C LEU A 271 15.86 -7.78 23.19
N LEU A 272 17.07 -7.25 22.97
CA LEU A 272 18.06 -7.17 24.03
C LEU A 272 17.62 -6.25 25.15
N ARG A 273 16.96 -5.13 24.84
CA ARG A 273 16.45 -4.22 25.86
C ARG A 273 15.44 -4.91 26.74
N SER A 274 14.44 -5.56 26.15
CA SER A 274 13.44 -6.28 26.93
C SER A 274 14.07 -7.39 27.77
N LEU A 275 14.95 -8.20 27.18
CA LEU A 275 15.58 -9.30 27.89
C LEU A 275 16.40 -8.83 29.09
N VAL A 276 17.30 -7.86 28.91
CA VAL A 276 18.15 -7.40 30.01
C VAL A 276 17.33 -6.68 31.07
N LYS A 277 16.26 -5.97 30.68
CA LYS A 277 15.35 -5.35 31.63
C LYS A 277 14.64 -6.39 32.48
N VAL A 278 14.16 -7.49 31.92
CA VAL A 278 13.57 -8.58 32.69
C VAL A 278 14.56 -9.18 33.67
N VAL A 279 15.77 -9.50 33.22
CA VAL A 279 16.79 -10.09 34.10
C VAL A 279 17.17 -9.15 35.23
N GLY A 280 17.39 -7.87 34.95
CA GLY A 280 17.76 -6.89 35.97
C GLY A 280 16.66 -6.68 36.99
N LEU A 281 15.41 -6.52 36.57
CA LEU A 281 14.29 -6.30 37.48
C LEU A 281 14.05 -7.49 38.40
N TYR A 282 14.02 -8.71 37.88
CA TYR A 282 13.87 -9.88 38.74
C TYR A 282 15.06 -10.07 39.68
N GLY A 283 16.27 -9.71 39.27
CA GLY A 283 17.42 -9.69 40.16
C GLY A 283 17.22 -8.72 41.32
N PHE A 284 16.81 -7.47 41.05
CA PHE A 284 16.55 -6.53 42.12
C PHE A 284 15.39 -6.96 43.01
N MET A 285 14.32 -7.52 42.46
CA MET A 285 13.25 -8.08 43.30
C MET A 285 13.77 -9.17 44.25
N LEU A 286 14.60 -10.10 43.76
CA LEU A 286 15.20 -11.14 44.58
C LEU A 286 16.14 -10.58 45.64
N SER A 287 16.84 -9.48 45.33
CA SER A 287 17.66 -8.78 46.31
C SER A 287 16.81 -8.19 47.44
N ILE A 288 15.73 -7.47 47.10
CA ILE A 288 14.92 -6.76 48.09
C ILE A 288 14.13 -7.71 48.98
N SER A 289 13.36 -8.66 48.42
CA SER A 289 12.54 -9.58 49.22
C SER A 289 12.14 -10.85 48.45
N PRO A 290 12.62 -12.03 48.86
CA PRO A 290 12.34 -13.27 48.15
C PRO A 290 10.88 -13.67 48.33
N ARG A 291 10.30 -13.48 49.53
CA ARG A 291 8.88 -13.79 49.77
C ARG A 291 7.96 -13.04 48.82
N LEU A 292 8.11 -11.72 48.71
CA LEU A 292 7.31 -10.90 47.80
C LEU A 292 7.52 -11.22 46.30
N THR A 293 8.75 -11.54 45.92
CA THR A 293 9.05 -11.96 44.54
C THR A 293 8.34 -13.26 44.18
N LEU A 294 8.43 -14.28 45.04
CA LEU A 294 7.71 -15.52 44.85
C LEU A 294 6.21 -15.28 44.74
N LEU A 295 5.65 -14.43 45.60
CA LEU A 295 4.23 -14.09 45.58
C LEU A 295 3.80 -13.37 44.30
N SER A 296 4.67 -12.53 43.74
CA SER A 296 4.46 -11.88 42.46
C SER A 296 4.63 -12.80 41.26
N LEU A 297 5.57 -13.75 41.34
CA LEU A 297 5.86 -14.63 40.21
C LEU A 297 4.78 -15.67 39.95
N LEU A 298 3.78 -15.74 40.81
CA LEU A 298 2.75 -16.78 40.70
C LEU A 298 1.88 -16.70 39.43
N HIS A 299 1.50 -15.51 39.00
CA HIS A 299 0.58 -15.38 37.86
C HIS A 299 1.24 -15.48 36.48
N MET A 300 2.55 -15.63 36.44
CA MET A 300 3.27 -15.66 35.16
C MET A 300 2.70 -16.63 34.13
N PRO A 301 2.34 -17.85 34.55
CA PRO A 301 1.87 -18.85 33.57
C PRO A 301 0.45 -18.61 33.05
N PHE A 302 -0.51 -18.41 33.93
CA PHE A 302 -1.90 -18.23 33.52
C PHE A 302 -2.09 -16.98 32.68
N THR A 303 -1.31 -15.94 32.96
CA THR A 303 -1.31 -14.69 32.18
C THR A 303 -0.72 -14.89 30.79
N ILE A 304 0.34 -15.68 30.64
CA ILE A 304 0.86 -16.09 29.33
C ILE A 304 -0.18 -16.96 28.60
N ALA A 305 -0.69 -18.02 29.23
CA ALA A 305 -1.62 -18.92 28.57
C ALA A 305 -2.91 -18.22 28.11
N ALA A 306 -3.43 -17.26 28.88
CA ALA A 306 -4.60 -16.50 28.48
C ALA A 306 -4.40 -15.82 27.12
N GLU A 307 -3.22 -15.28 26.83
CA GLU A 307 -2.96 -14.68 25.53
C GLU A 307 -3.08 -15.71 24.41
N LYS A 308 -2.53 -16.92 24.60
CA LYS A 308 -2.65 -17.98 23.59
C LYS A 308 -4.11 -18.33 23.34
N VAL A 309 -4.90 -18.52 24.39
CA VAL A 309 -6.31 -18.91 24.24
C VAL A 309 -7.14 -17.80 23.63
N TYR A 310 -6.86 -16.53 23.95
CA TYR A 310 -7.49 -15.41 23.29
C TYR A 310 -7.14 -15.37 21.80
N ASN A 311 -5.85 -15.43 21.43
CA ASN A 311 -5.42 -15.39 20.03
C ASN A 311 -6.11 -16.50 19.22
N THR A 312 -6.03 -17.74 19.70
CA THR A 312 -6.61 -18.90 19.01
C THR A 312 -8.14 -19.00 19.01
N ARG A 313 -8.86 -18.04 19.63
CA ARG A 313 -10.31 -17.85 19.42
C ARG A 313 -10.62 -16.55 18.66
N HIS A 314 -9.66 -15.64 18.57
CA HIS A 314 -9.82 -14.35 17.90
C HIS A 314 -9.57 -14.48 16.40
N GLN A 315 -8.63 -15.33 15.96
CA GLN A 315 -8.29 -15.47 14.55
C GLN A 315 -9.47 -15.88 13.66
N GLU A 316 -10.32 -16.82 14.08
CA GLU A 316 -11.44 -17.28 13.25
C GLU A 316 -12.48 -16.18 13.08
N VAL A 317 -12.76 -15.44 14.16
CA VAL A 317 -13.67 -14.29 14.11
C VAL A 317 -13.09 -13.22 13.18
N LEU A 318 -11.79 -12.98 13.21
CA LEU A 318 -11.16 -12.04 12.28
C LEU A 318 -11.29 -12.47 10.81
N ARG A 319 -11.16 -13.76 10.49
CA ARG A 319 -11.38 -14.24 9.12
C ARG A 319 -12.84 -14.15 8.69
N GLU A 320 -13.79 -14.39 9.60
CA GLU A 320 -15.20 -14.25 9.31
C GLU A 320 -15.58 -12.77 9.07
N ILE A 321 -14.96 -11.85 9.80
CA ILE A 321 -15.04 -10.42 9.52
C ILE A 321 -14.56 -10.12 8.10
N GLN A 322 -13.42 -10.71 7.69
CA GLN A 322 -12.90 -10.50 6.36
C GLN A 322 -13.83 -11.05 5.27
N ASP A 323 -14.49 -12.18 5.53
CA ASP A 323 -15.51 -12.70 4.63
C ASP A 323 -16.74 -11.76 4.53
N ALA A 324 -17.24 -11.25 5.66
CA ALA A 324 -18.40 -10.37 5.69
C ALA A 324 -18.15 -9.02 4.99
N VAL A 325 -17.00 -8.38 5.23
CA VAL A 325 -16.66 -7.14 4.52
C VAL A 325 -16.42 -7.41 3.03
N ALA A 326 -15.84 -8.55 2.66
CA ALA A 326 -15.67 -8.91 1.25
C ALA A 326 -17.03 -9.10 0.58
N ARG A 327 -17.99 -9.70 1.28
CA ARG A 327 -19.38 -9.80 0.81
C ARG A 327 -20.04 -8.44 0.61
N ALA A 328 -19.88 -7.49 1.54
CA ALA A 328 -20.37 -6.13 1.32
C ALA A 328 -19.72 -5.39 0.14
N GLY A 329 -18.40 -5.51 -0.02
CA GLY A 329 -17.66 -4.98 -1.17
C GLY A 329 -18.13 -5.56 -2.52
N GLN A 330 -18.39 -6.88 -2.56
CA GLN A 330 -18.97 -7.53 -3.72
C GLN A 330 -20.34 -6.95 -4.05
N VAL A 331 -21.23 -6.79 -3.06
CA VAL A 331 -22.57 -6.25 -3.29
C VAL A 331 -22.54 -4.83 -3.83
N VAL A 332 -21.70 -3.95 -3.28
CA VAL A 332 -21.59 -2.58 -3.79
C VAL A 332 -20.98 -2.53 -5.19
N ARG A 333 -19.95 -3.33 -5.49
CA ARG A 333 -19.36 -3.42 -6.82
C ARG A 333 -20.39 -3.90 -7.87
N GLU A 334 -21.14 -4.95 -7.55
CA GLU A 334 -22.17 -5.49 -8.44
C GLU A 334 -23.30 -4.49 -8.70
N ALA A 335 -23.72 -3.75 -7.66
CA ALA A 335 -24.72 -2.69 -7.80
C ALA A 335 -24.24 -1.51 -8.65
N VAL A 336 -22.94 -1.21 -8.67
CA VAL A 336 -22.36 -0.16 -9.54
C VAL A 336 -22.36 -0.58 -11.02
N GLY A 337 -21.97 -1.82 -11.35
CA GLY A 337 -21.80 -2.20 -12.75
C GLY A 337 -23.07 -2.11 -13.60
N GLY A 338 -24.20 -2.58 -13.09
CA GLY A 338 -25.49 -2.58 -13.79
C GLY A 338 -26.32 -1.31 -13.61
N LEU A 339 -25.76 -0.30 -12.94
CA LEU A 339 -26.53 0.90 -12.57
C LEU A 339 -27.55 1.39 -13.55
N GLN A 340 -27.22 1.36 -14.83
CA GLN A 340 -28.12 1.90 -15.80
C GLN A 340 -29.38 1.10 -15.75
N THR A 341 -29.23 -0.21 -15.60
CA THR A 341 -30.39 -1.08 -15.50
C THR A 341 -31.18 -0.73 -14.26
N VAL A 342 -30.50 -0.44 -13.17
CA VAL A 342 -31.19 -0.16 -11.91
C VAL A 342 -32.09 1.04 -12.06
N ARG A 343 -31.53 2.12 -12.57
CA ARG A 343 -32.29 3.37 -12.71
C ARG A 343 -33.41 3.24 -13.72
N SER A 344 -33.13 2.61 -14.86
CA SER A 344 -34.09 2.50 -15.96
C SER A 344 -35.27 1.58 -15.61
N PHE A 345 -35.00 0.37 -15.11
CA PHE A 345 -36.01 -0.66 -14.87
C PHE A 345 -36.50 -0.71 -13.43
N GLY A 346 -35.59 -0.57 -12.47
CA GLY A 346 -35.86 -0.84 -11.07
C GLY A 346 -36.05 0.42 -10.23
N ALA A 347 -35.67 0.31 -8.96
CA ALA A 347 -35.52 1.44 -8.06
C ALA A 347 -34.12 1.39 -7.41
N GLU A 348 -33.52 2.56 -7.27
CA GLU A 348 -32.20 2.75 -6.67
C GLU A 348 -32.22 2.30 -5.19
N GLU A 349 -33.24 2.71 -4.45
CA GLU A 349 -33.46 2.33 -3.05
C GLU A 349 -33.53 0.80 -2.82
N HIS A 350 -33.82 0.00 -3.84
CA HIS A 350 -33.85 -1.46 -3.68
C HIS A 350 -32.47 -2.02 -3.28
N GLU A 351 -31.38 -1.44 -3.76
CA GLU A 351 -30.04 -1.85 -3.34
C GLU A 351 -29.68 -1.36 -1.94
N VAL A 352 -30.30 -0.27 -1.48
CA VAL A 352 -30.04 0.28 -0.15
C VAL A 352 -30.44 -0.71 0.93
N CYS A 353 -31.60 -1.36 0.84
CA CYS A 353 -31.99 -2.38 1.81
C CYS A 353 -31.05 -3.61 1.81
N ARG A 354 -30.47 -3.96 0.67
CA ARG A 354 -29.45 -5.02 0.58
C ARG A 354 -28.17 -4.58 1.28
N TYR A 355 -27.77 -3.32 1.14
CA TYR A 355 -26.63 -2.79 1.85
C TYR A 355 -26.87 -2.73 3.36
N LYS A 356 -28.08 -2.33 3.80
CA LYS A 356 -28.48 -2.43 5.21
C LYS A 356 -28.33 -3.85 5.74
N GLU A 357 -28.83 -4.83 4.98
CA GLU A 357 -28.75 -6.23 5.39
C GLU A 357 -27.30 -6.74 5.46
N ALA A 358 -26.40 -6.33 4.56
CA ALA A 358 -24.99 -6.65 4.68
C ALA A 358 -24.34 -5.99 5.91
N LEU A 359 -24.57 -4.69 6.12
CA LEU A 359 -23.95 -3.97 7.23
C LEU A 359 -24.47 -4.39 8.60
N GLU A 360 -25.71 -4.85 8.72
CA GLU A 360 -26.20 -5.42 9.99
C GLU A 360 -25.35 -6.62 10.41
N GLN A 361 -25.09 -7.55 9.49
CA GLN A 361 -24.26 -8.71 9.80
C GLN A 361 -22.83 -8.27 10.13
N CYS A 362 -22.31 -7.28 9.42
CA CYS A 362 -20.97 -6.74 9.64
C CYS A 362 -20.81 -6.15 11.05
N ARG A 363 -21.74 -5.29 11.50
CA ARG A 363 -21.73 -4.73 12.85
C ARG A 363 -21.91 -5.82 13.92
N GLN A 364 -22.83 -6.78 13.73
CA GLN A 364 -23.06 -7.87 14.69
C GLN A 364 -21.77 -8.67 14.89
N LEU A 365 -21.02 -8.91 13.82
CA LEU A 365 -19.75 -9.59 13.93
C LEU A 365 -18.68 -8.71 14.58
N TYR A 366 -18.60 -7.42 14.25
CA TYR A 366 -17.67 -6.50 14.91
C TYR A 366 -17.93 -6.43 16.42
N TRP A 367 -19.18 -6.37 16.82
CA TRP A 367 -19.57 -6.38 18.22
C TRP A 367 -19.09 -7.64 18.94
N ARG A 368 -19.34 -8.82 18.38
CA ARG A 368 -18.91 -10.08 18.97
C ARG A 368 -17.39 -10.18 19.08
N ARG A 369 -16.65 -9.72 18.09
CA ARG A 369 -15.19 -9.67 18.16
C ARG A 369 -14.73 -8.77 19.29
N ASP A 370 -15.24 -7.55 19.36
CA ASP A 370 -14.75 -6.58 20.34
C ASP A 370 -15.13 -6.93 21.78
N LEU A 371 -16.32 -7.48 21.98
CA LEU A 371 -16.73 -8.00 23.28
C LEU A 371 -15.73 -9.04 23.79
N GLU A 372 -15.30 -9.96 22.93
CA GLU A 372 -14.33 -10.99 23.31
C GLU A 372 -12.99 -10.30 23.61
N ARG A 373 -12.59 -9.32 22.81
CA ARG A 373 -11.41 -8.49 23.08
C ARG A 373 -11.48 -7.87 24.47
N ALA A 374 -12.55 -7.15 24.79
CA ALA A 374 -12.71 -6.54 26.10
C ALA A 374 -12.74 -7.51 27.28
N LEU A 375 -13.40 -8.65 27.15
CA LEU A 375 -13.47 -9.65 28.21
C LEU A 375 -12.10 -10.21 28.56
N TYR A 376 -11.25 -10.49 27.55
CA TYR A 376 -9.87 -10.88 27.81
C TYR A 376 -9.13 -9.77 28.55
N LEU A 377 -9.26 -8.53 28.11
CA LEU A 377 -8.55 -7.42 28.74
C LEU A 377 -8.98 -7.22 30.20
N LEU A 378 -10.26 -7.39 30.52
CA LEU A 378 -10.76 -7.40 31.89
C LEU A 378 -10.10 -8.51 32.70
N VAL A 379 -10.10 -9.76 32.22
CA VAL A 379 -9.49 -10.88 32.95
C VAL A 379 -8.02 -10.63 33.23
N ARG A 380 -7.25 -10.13 32.27
CA ARG A 380 -5.87 -9.72 32.51
C ARG A 380 -5.75 -8.71 33.65
N ARG A 381 -6.51 -7.65 33.59
CA ARG A 381 -6.28 -6.65 34.60
C ARG A 381 -6.66 -7.15 35.91
N VAL A 382 -7.85 -7.63 36.09
CA VAL A 382 -8.38 -8.03 37.40
C VAL A 382 -7.43 -9.03 38.07
N LEU A 383 -6.84 -9.96 37.30
CA LEU A 383 -5.79 -10.84 37.81
C LEU A 383 -4.58 -10.00 38.20
N HIS A 384 -4.21 -9.02 37.40
CA HIS A 384 -3.05 -8.19 37.71
C HIS A 384 -3.26 -7.39 39.01
N LEU A 385 -4.40 -6.72 39.13
CA LEU A 385 -4.71 -5.96 40.34
C LEU A 385 -4.86 -6.85 41.59
N GLY A 386 -5.35 -8.08 41.45
CA GLY A 386 -5.46 -9.03 42.55
C GLY A 386 -4.10 -9.46 43.09
N VAL A 387 -3.16 -9.81 42.22
CA VAL A 387 -1.81 -10.16 42.68
C VAL A 387 -1.10 -8.95 43.26
N GLN A 388 -1.30 -7.75 42.70
CA GLN A 388 -0.72 -6.53 43.24
C GLN A 388 -1.23 -6.27 44.67
N MET A 389 -2.53 -6.42 44.94
CA MET A 389 -3.10 -6.26 46.28
C MET A 389 -2.53 -7.31 47.25
N LEU A 390 -2.46 -8.58 46.84
CA LEU A 390 -1.90 -9.62 47.70
C LEU A 390 -0.43 -9.35 48.03
N MET A 391 0.34 -8.88 47.06
CA MET A 391 1.73 -8.47 47.27
C MET A 391 1.84 -7.34 48.29
N LEU A 392 0.99 -6.31 48.19
CA LEU A 392 0.99 -5.21 49.14
C LEU A 392 0.65 -5.69 50.57
N SER A 393 -0.35 -6.57 50.72
CA SER A 393 -0.70 -7.12 52.04
C SER A 393 0.47 -7.82 52.69
N CYS A 394 1.16 -8.70 51.96
CA CYS A 394 2.31 -9.39 52.50
C CYS A 394 3.44 -8.42 52.87
N GLY A 395 3.69 -7.40 52.04
CA GLY A 395 4.67 -6.37 52.34
C GLY A 395 4.37 -5.63 53.64
N LEU A 396 3.12 -5.18 53.83
CA LEU A 396 2.72 -4.51 55.05
C LEU A 396 2.88 -5.42 56.27
N GLN A 397 2.59 -6.72 56.15
CA GLN A 397 2.79 -7.63 57.26
C GLN A 397 4.28 -7.76 57.61
N GLN A 398 5.16 -7.76 56.61
CA GLN A 398 6.60 -7.75 56.88
C GLN A 398 6.99 -6.45 57.56
N MET A 399 6.40 -5.34 57.12
CA MET A 399 6.67 -4.03 57.73
C MET A 399 6.31 -4.03 59.23
N GLN A 400 5.21 -4.67 59.61
CA GLN A 400 4.79 -4.82 61.00
C GLN A 400 5.83 -5.63 61.80
N ASP A 401 6.36 -6.71 61.21
CA ASP A 401 7.45 -7.50 61.79
C ASP A 401 8.82 -6.79 61.73
N GLY A 402 8.93 -5.68 61.01
CA GLY A 402 10.13 -4.83 60.96
C GLY A 402 11.27 -5.32 60.04
N GLU A 403 11.09 -6.41 59.29
CA GLU A 403 12.12 -6.93 58.38
C GLU A 403 12.37 -6.06 57.14
N LEU A 404 11.45 -5.17 56.79
CA LEU A 404 11.55 -4.34 55.58
C LEU A 404 11.29 -2.86 55.89
N THR A 405 11.98 -1.97 55.18
CA THR A 405 11.82 -0.53 55.31
C THR A 405 10.85 0.05 54.28
N GLN A 406 10.32 1.24 54.56
CA GLN A 406 9.40 1.88 53.62
C GLN A 406 10.02 2.03 52.23
N GLY A 407 11.24 2.57 52.16
CA GLY A 407 11.89 2.80 50.88
C GLY A 407 12.11 1.51 50.11
N SER A 408 12.42 0.41 50.79
CA SER A 408 12.51 -0.89 50.14
C SER A 408 11.16 -1.25 49.53
N LEU A 409 10.06 -1.11 50.25
CA LEU A 409 8.73 -1.41 49.74
C LEU A 409 8.34 -0.53 48.55
N LEU A 410 8.68 0.75 48.57
CA LEU A 410 8.46 1.61 47.41
C LEU A 410 9.23 1.10 46.19
N SER A 411 10.53 0.85 46.32
CA SER A 411 11.32 0.39 45.18
C SER A 411 10.78 -0.95 44.65
N PHE A 412 10.45 -1.89 45.52
CA PHE A 412 9.90 -3.16 45.07
C PHE A 412 8.61 -2.97 44.29
N MET A 413 7.68 -2.17 44.79
CA MET A 413 6.42 -1.97 44.10
C MET A 413 6.59 -1.15 42.82
N ILE A 414 7.57 -0.25 42.72
CA ILE A 414 7.90 0.36 41.43
C ILE A 414 8.35 -0.68 40.43
N TYR A 415 9.18 -1.63 40.82
CA TYR A 415 9.57 -2.71 39.93
C TYR A 415 8.38 -3.57 39.53
N GLN A 416 7.46 -3.84 40.44
CA GLN A 416 6.28 -4.65 40.16
C GLN A 416 5.37 -4.05 39.10
N GLU A 417 5.22 -2.73 39.06
CA GLU A 417 4.40 -2.05 38.05
C GLU A 417 5.05 -2.05 36.65
N SER A 418 6.30 -2.50 36.52
CA SER A 418 7.09 -2.36 35.29
C SER A 418 7.44 -3.69 34.63
N VAL A 419 7.90 -4.70 35.38
CA VAL A 419 8.44 -5.94 34.81
C VAL A 419 7.45 -6.73 33.96
N GLY A 420 6.15 -6.68 34.30
CA GLY A 420 5.13 -7.47 33.64
C GLY A 420 4.87 -7.12 32.18
N SER A 421 5.11 -5.88 31.77
CA SER A 421 5.01 -5.49 30.36
C SER A 421 6.12 -6.16 29.56
N TYR A 422 7.37 -6.03 29.99
CA TYR A 422 8.48 -6.58 29.24
C TYR A 422 8.41 -8.10 29.15
N VAL A 423 8.09 -8.78 30.25
CA VAL A 423 8.04 -10.24 30.24
C VAL A 423 6.94 -10.80 29.33
N GLN A 424 5.84 -10.07 29.17
CA GLN A 424 4.80 -10.42 28.21
C GLN A 424 5.22 -10.09 26.78
N THR A 425 5.81 -8.92 26.51
CA THR A 425 6.02 -8.48 25.12
C THR A 425 7.10 -9.30 24.42
N LEU A 426 8.03 -9.91 25.15
CA LEU A 426 9.16 -10.64 24.58
C LEU A 426 8.71 -11.70 23.55
N VAL A 427 7.57 -12.35 23.77
CA VAL A 427 7.05 -13.31 22.81
C VAL A 427 6.47 -12.64 21.57
N TYR A 428 5.82 -11.49 21.70
CA TYR A 428 5.26 -10.76 20.55
C TYR A 428 6.37 -10.22 19.65
N ILE A 429 7.43 -9.66 20.21
CA ILE A 429 8.53 -9.18 19.39
C ILE A 429 9.32 -10.33 18.75
N TYR A 430 9.41 -11.50 19.36
CA TYR A 430 9.96 -12.69 18.71
C TYR A 430 9.02 -13.28 17.64
N GLY A 431 7.71 -13.02 17.72
CA GLY A 431 6.79 -13.31 16.61
C GLY A 431 7.04 -12.39 15.42
N ASP A 432 7.21 -11.09 15.68
CA ASP A 432 7.52 -10.11 14.65
C ASP A 432 8.90 -10.35 14.01
N MET A 433 9.88 -10.81 14.79
CA MET A 433 11.18 -11.30 14.32
C MET A 433 11.03 -12.24 13.12
N LEU A 434 10.25 -13.30 13.29
CA LEU A 434 10.06 -14.34 12.28
C LEU A 434 9.12 -13.92 11.15
N SER A 435 8.42 -12.80 11.26
CA SER A 435 7.60 -12.31 10.14
C SER A 435 8.30 -11.31 9.23
N ASN A 436 9.17 -10.50 9.80
CA ASN A 436 9.89 -9.45 9.05
C ASN A 436 10.81 -9.93 7.96
N VAL A 437 11.49 -11.06 8.18
CA VAL A 437 12.56 -11.54 7.29
C VAL A 437 12.10 -11.72 5.86
N GLY A 438 10.87 -12.19 5.63
CA GLY A 438 10.43 -12.54 4.28
C GLY A 438 10.41 -11.41 3.26
N ALA A 439 10.02 -10.20 3.62
CA ALA A 439 10.09 -9.08 2.66
C ALA A 439 11.42 -8.99 1.90
N ALA A 440 12.53 -9.48 2.46
CA ALA A 440 13.85 -9.46 1.85
C ALA A 440 14.07 -10.49 0.74
N GLU A 441 13.20 -11.49 0.57
CA GLU A 441 13.47 -12.63 -0.32
C GLU A 441 13.74 -12.22 -1.78
N LYS A 442 13.03 -11.20 -2.28
CA LYS A 442 13.17 -10.77 -3.67
C LYS A 442 14.60 -10.31 -3.94
N VAL A 443 15.22 -9.57 -3.03
CA VAL A 443 16.60 -9.11 -3.25
C VAL A 443 17.56 -10.30 -3.31
N PHE A 444 17.43 -11.26 -2.39
CA PHE A 444 18.24 -12.47 -2.44
C PHE A 444 18.01 -13.26 -3.73
N SER A 445 16.77 -13.34 -4.22
CA SER A 445 16.47 -14.04 -5.48
C SER A 445 17.16 -13.44 -6.69
N TYR A 446 17.48 -12.14 -6.69
CA TYR A 446 18.24 -11.49 -7.76
C TYR A 446 19.76 -11.54 -7.53
N MET A 447 20.20 -11.66 -6.28
CA MET A 447 21.61 -11.67 -5.91
C MET A 447 22.34 -12.94 -6.34
N ASP A 448 21.66 -14.10 -6.31
CA ASP A 448 22.29 -15.41 -6.51
C ASP A 448 21.77 -16.22 -7.71
N ARG A 449 20.89 -15.64 -8.54
CA ARG A 449 20.53 -16.17 -9.85
C ARG A 449 21.79 -16.34 -10.70
N GLN A 450 22.06 -17.56 -11.14
CA GLN A 450 23.15 -17.86 -12.06
C GLN A 450 22.97 -17.16 -13.41
N PRO A 451 23.95 -16.40 -13.91
CA PRO A 451 23.88 -15.81 -15.24
C PRO A 451 23.95 -16.88 -16.33
N ASN A 452 23.10 -16.76 -17.36
CA ASN A 452 23.07 -17.69 -18.49
C ASN A 452 24.14 -17.39 -19.56
N LEU A 453 25.01 -16.40 -19.36
CA LEU A 453 26.09 -16.09 -20.30
C LEU A 453 27.13 -17.22 -20.42
N PRO A 454 27.80 -17.36 -21.57
CA PRO A 454 28.88 -18.33 -21.78
C PRO A 454 30.08 -18.18 -20.84
N SER A 455 30.98 -19.16 -20.86
CA SER A 455 32.20 -19.17 -20.07
C SER A 455 33.13 -17.98 -20.38
N PRO A 456 33.89 -17.44 -19.41
CA PRO A 456 34.80 -16.32 -19.61
C PRO A 456 35.85 -16.61 -20.68
N GLY A 457 36.20 -15.59 -21.46
CA GLY A 457 37.26 -15.68 -22.48
C GLY A 457 38.67 -15.67 -21.89
N THR A 458 39.64 -16.21 -22.64
CA THR A 458 41.05 -16.33 -22.26
C THR A 458 42.05 -15.95 -23.36
N LEU A 459 41.62 -15.93 -24.62
CA LEU A 459 42.55 -15.65 -25.70
C LEU A 459 42.78 -14.16 -25.93
N ALA A 460 44.02 -13.74 -26.13
CA ALA A 460 44.28 -12.35 -26.47
C ALA A 460 44.92 -12.34 -27.83
N PRO A 461 44.35 -11.59 -28.78
CA PRO A 461 44.91 -11.66 -30.12
C PRO A 461 46.33 -11.15 -30.21
N THR A 462 46.63 -10.05 -29.51
CA THR A 462 47.96 -9.42 -29.62
C THR A 462 48.27 -8.92 -31.04
N THR A 463 47.31 -9.02 -31.96
CA THR A 463 47.54 -8.64 -33.35
C THR A 463 46.22 -8.40 -34.08
N LEU A 464 46.28 -7.91 -35.33
CA LEU A 464 45.08 -7.67 -36.15
C LEU A 464 44.25 -8.94 -36.35
N GLN A 465 42.93 -8.83 -36.33
CA GLN A 465 42.02 -9.94 -36.56
C GLN A 465 42.11 -10.53 -37.96
N GLY A 466 42.41 -9.70 -38.95
CA GLY A 466 42.38 -10.19 -40.32
C GLY A 466 40.91 -10.29 -40.70
N VAL A 467 40.45 -11.49 -41.07
CA VAL A 467 39.06 -11.67 -41.52
C VAL A 467 38.14 -12.25 -40.46
N VAL A 468 36.83 -12.31 -40.74
CA VAL A 468 35.86 -12.88 -39.82
C VAL A 468 34.86 -13.64 -40.66
N LYS A 469 34.26 -14.69 -40.12
CA LYS A 469 33.36 -15.53 -40.91
C LYS A 469 32.29 -16.21 -40.05
N PHE A 470 31.25 -16.71 -40.70
CA PHE A 470 30.16 -17.45 -40.08
C PHE A 470 29.74 -18.64 -40.94
N GLN A 471 29.27 -19.72 -40.34
CA GLN A 471 28.79 -20.89 -41.08
C GLN A 471 27.59 -21.54 -40.38
N ASP A 472 26.53 -21.82 -41.16
CA ASP A 472 25.27 -22.42 -40.72
C ASP A 472 24.60 -21.75 -39.50
N VAL A 473 24.83 -20.45 -39.31
CA VAL A 473 24.38 -19.67 -38.16
C VAL A 473 22.88 -19.75 -37.96
N SER A 474 22.46 -20.15 -36.77
CA SER A 474 21.05 -20.21 -36.37
C SER A 474 20.88 -19.73 -34.94
N PHE A 475 19.82 -18.97 -34.66
CA PHE A 475 19.52 -18.51 -33.31
C PHE A 475 18.09 -17.96 -33.19
N ALA A 476 17.61 -17.82 -31.96
CA ALA A 476 16.29 -17.29 -31.63
C ALA A 476 16.35 -16.52 -30.30
N TYR A 477 15.43 -15.58 -30.10
CA TYR A 477 15.34 -14.84 -28.84
C TYR A 477 14.90 -15.74 -27.69
N PRO A 478 15.66 -15.85 -26.58
CA PRO A 478 15.29 -16.67 -25.40
C PRO A 478 13.92 -16.37 -24.78
N ASN A 479 13.33 -15.20 -25.07
CA ASN A 479 12.00 -14.81 -24.64
C ASN A 479 10.85 -15.34 -25.51
N ARG A 480 11.13 -15.72 -26.76
CA ARG A 480 10.18 -16.40 -27.63
C ARG A 480 10.83 -17.51 -28.49
N PRO A 481 11.48 -18.53 -27.88
CA PRO A 481 12.30 -19.50 -28.61
C PRO A 481 11.52 -20.50 -29.49
N ASP A 482 10.19 -20.42 -29.52
CA ASP A 482 9.31 -21.29 -30.32
C ASP A 482 9.51 -21.19 -31.83
N ARG A 483 10.03 -20.09 -32.35
CA ARG A 483 10.38 -19.94 -33.76
C ARG A 483 11.75 -19.25 -33.96
N PRO A 484 12.63 -19.77 -34.83
CA PRO A 484 13.89 -19.14 -35.18
C PRO A 484 13.75 -17.77 -35.84
N VAL A 485 14.61 -16.82 -35.48
CA VAL A 485 14.69 -15.51 -36.15
C VAL A 485 15.70 -15.49 -37.31
N LEU A 486 16.73 -16.34 -37.24
CA LEU A 486 17.63 -16.62 -38.37
C LEU A 486 18.11 -18.08 -38.30
N LYS A 487 18.37 -18.68 -39.46
CA LYS A 487 18.86 -20.06 -39.56
C LYS A 487 19.66 -20.31 -40.85
N GLY A 488 20.60 -21.25 -40.80
CA GLY A 488 21.41 -21.67 -41.95
C GLY A 488 22.38 -20.62 -42.52
N LEU A 489 22.61 -19.50 -41.84
CA LEU A 489 23.37 -18.38 -42.39
C LEU A 489 24.88 -18.63 -42.47
N THR A 490 25.50 -18.49 -43.64
CA THR A 490 26.96 -18.45 -43.77
C THR A 490 27.40 -17.05 -44.24
N PHE A 491 28.52 -16.56 -43.70
CA PHE A 491 29.02 -15.20 -43.92
C PHE A 491 30.54 -15.18 -44.03
N THR A 492 31.06 -14.15 -44.69
CA THR A 492 32.49 -13.90 -44.77
C THR A 492 32.76 -12.40 -44.84
N LEU A 493 33.78 -11.94 -44.13
CA LEU A 493 34.25 -10.56 -44.10
C LEU A 493 35.77 -10.50 -44.22
N ARG A 494 36.27 -9.62 -45.10
CA ARG A 494 37.68 -9.52 -45.43
C ARG A 494 38.23 -8.11 -45.19
N PRO A 495 39.49 -7.96 -44.73
CA PRO A 495 40.15 -6.68 -44.57
C PRO A 495 40.12 -5.78 -45.81
N GLY A 496 39.99 -4.48 -45.61
CA GLY A 496 39.94 -3.46 -46.68
C GLY A 496 38.64 -3.42 -47.51
N GLU A 497 37.73 -4.38 -47.36
CA GLU A 497 36.47 -4.48 -48.10
C GLU A 497 35.26 -3.97 -47.32
N VAL A 498 34.09 -3.98 -47.98
CA VAL A 498 32.79 -3.63 -47.40
C VAL A 498 31.73 -4.70 -47.67
N THR A 499 30.71 -4.77 -46.80
CA THR A 499 29.58 -5.68 -46.94
C THR A 499 28.24 -4.96 -46.70
N ALA A 500 27.21 -5.28 -47.50
CA ALA A 500 25.88 -4.67 -47.41
C ALA A 500 24.78 -5.73 -47.21
N LEU A 501 24.08 -5.70 -46.08
CA LEU A 501 22.96 -6.60 -45.80
C LEU A 501 21.68 -6.14 -46.50
N VAL A 502 21.18 -6.93 -47.44
CA VAL A 502 19.96 -6.69 -48.19
C VAL A 502 18.82 -7.59 -47.71
N GLY A 503 17.65 -7.04 -47.39
CA GLY A 503 16.50 -7.81 -46.95
C GLY A 503 15.31 -6.95 -46.47
N PRO A 504 14.15 -7.56 -46.18
CA PRO A 504 12.99 -6.86 -45.65
C PRO A 504 13.23 -6.18 -44.30
N ASN A 505 12.36 -5.23 -43.94
CA ASN A 505 12.40 -4.59 -42.63
C ASN A 505 12.17 -5.60 -41.49
N GLY A 506 13.04 -5.59 -40.48
CA GLY A 506 12.99 -6.51 -39.34
C GLY A 506 13.34 -7.96 -39.66
N SER A 507 13.88 -8.26 -40.85
CA SER A 507 14.27 -9.61 -41.28
C SER A 507 15.57 -10.13 -40.65
N GLY A 508 15.69 -10.07 -39.32
CA GLY A 508 16.81 -10.61 -38.56
C GLY A 508 18.10 -9.79 -38.60
N LYS A 509 18.13 -8.62 -39.25
CA LYS A 509 19.34 -7.80 -39.37
C LYS A 509 19.92 -7.40 -38.00
N SER A 510 19.07 -6.96 -37.07
CA SER A 510 19.47 -6.64 -35.70
C SER A 510 20.01 -7.87 -34.97
N THR A 511 19.41 -9.04 -35.17
CA THR A 511 19.91 -10.30 -34.63
C THR A 511 21.28 -10.69 -35.21
N VAL A 512 21.50 -10.46 -36.50
CA VAL A 512 22.79 -10.70 -37.14
C VAL A 512 23.88 -9.75 -36.60
N ALA A 513 23.55 -8.48 -36.38
CA ALA A 513 24.45 -7.53 -35.74
C ALA A 513 24.79 -7.94 -34.30
N ALA A 514 23.79 -8.31 -33.51
CA ALA A 514 23.99 -8.76 -32.12
C ALA A 514 24.86 -10.02 -32.04
N LEU A 515 24.68 -10.97 -32.96
CA LEU A 515 25.55 -12.14 -33.07
C LEU A 515 26.98 -11.75 -33.43
N LEU A 516 27.18 -10.80 -34.36
CA LEU A 516 28.50 -10.31 -34.74
C LEU A 516 29.25 -9.67 -33.58
N GLN A 517 28.56 -8.90 -32.73
CA GLN A 517 29.12 -8.31 -31.51
C GLN A 517 29.19 -9.27 -30.31
N ASN A 518 28.83 -10.55 -30.47
CA ASN A 518 28.83 -11.57 -29.42
C ASN A 518 28.05 -11.21 -28.15
N LEU A 519 27.04 -10.34 -28.24
CA LEU A 519 26.22 -9.94 -27.10
C LEU A 519 25.25 -11.03 -26.64
N TYR A 520 24.83 -11.95 -27.52
CA TYR A 520 24.04 -13.15 -27.22
C TYR A 520 24.69 -14.41 -27.80
N GLN A 521 24.63 -15.53 -27.08
CA GLN A 521 25.27 -16.77 -27.53
C GLN A 521 24.57 -17.39 -28.75
N PRO A 522 25.31 -17.83 -29.78
CA PRO A 522 24.74 -18.52 -30.95
C PRO A 522 24.12 -19.89 -30.61
N THR A 523 22.93 -20.17 -31.13
CA THR A 523 22.22 -21.44 -30.91
C THR A 523 22.57 -22.57 -31.89
N GLY A 524 23.08 -22.21 -33.07
CA GLY A 524 23.47 -23.11 -34.14
C GLY A 524 24.57 -22.51 -35.01
N GLY A 525 25.43 -23.34 -35.60
CA GLY A 525 26.58 -22.90 -36.38
C GLY A 525 27.73 -22.33 -35.53
N GLN A 526 28.68 -21.65 -36.18
CA GLN A 526 29.82 -20.98 -35.52
C GLN A 526 29.98 -19.54 -36.02
N VAL A 527 30.40 -18.64 -35.13
CA VAL A 527 30.73 -17.24 -35.39
C VAL A 527 32.22 -16.95 -35.15
N LEU A 528 33.09 -17.91 -35.47
CA LEU A 528 34.52 -17.84 -35.22
C LEU A 528 35.21 -16.74 -36.03
N LEU A 529 36.09 -15.97 -35.37
CA LEU A 529 36.82 -14.83 -35.96
C LEU A 529 38.32 -15.03 -35.79
N ASP A 530 39.13 -14.61 -36.78
CA ASP A 530 40.57 -14.84 -36.79
C ASP A 530 41.01 -16.29 -36.53
N GLU A 531 40.24 -17.26 -37.04
CA GLU A 531 40.41 -18.70 -36.80
C GLU A 531 40.28 -19.16 -35.33
N LYS A 532 39.53 -18.43 -34.50
CA LYS A 532 39.28 -18.78 -33.10
C LYS A 532 37.79 -18.64 -32.72
N PRO A 533 37.30 -19.36 -31.69
CA PRO A 533 35.91 -19.26 -31.22
C PRO A 533 35.51 -17.84 -30.81
N ILE A 534 34.28 -17.41 -31.12
CA ILE A 534 33.83 -16.03 -30.85
C ILE A 534 33.86 -15.65 -29.37
N SER A 535 33.55 -16.59 -28.47
CA SER A 535 33.62 -16.39 -27.02
C SER A 535 34.99 -16.64 -26.40
N GLN A 536 35.98 -17.13 -27.16
CA GLN A 536 37.30 -17.46 -26.62
C GLN A 536 38.14 -16.23 -26.27
N TYR A 537 38.00 -15.12 -27.01
CA TYR A 537 38.71 -13.87 -26.72
C TYR A 537 38.18 -13.17 -25.46
N GLU A 538 39.06 -12.51 -24.71
CA GLU A 538 38.71 -11.76 -23.51
C GLU A 538 37.72 -10.61 -23.79
N HIS A 539 36.79 -10.39 -22.88
CA HIS A 539 35.70 -9.42 -23.07
C HIS A 539 36.20 -8.00 -23.37
N CYS A 540 37.25 -7.55 -22.68
CA CYS A 540 37.82 -6.22 -22.89
C CYS A 540 38.41 -6.03 -24.28
N TYR A 541 39.21 -6.99 -24.75
CA TYR A 541 39.82 -6.99 -26.07
C TYR A 541 38.79 -7.12 -27.19
N LEU A 542 37.78 -7.97 -27.01
CA LEU A 542 36.68 -8.10 -27.99
C LEU A 542 35.88 -6.80 -28.14
N HIS A 543 35.45 -6.20 -27.02
CA HIS A 543 34.74 -4.92 -27.05
C HIS A 543 35.59 -3.78 -27.62
N SER A 544 36.89 -3.77 -27.37
CA SER A 544 37.80 -2.75 -27.88
C SER A 544 38.12 -2.89 -29.38
N GLN A 545 38.13 -4.11 -29.93
CA GLN A 545 38.47 -4.35 -31.34
C GLN A 545 37.25 -4.41 -32.29
N VAL A 546 36.08 -4.83 -31.82
CA VAL A 546 34.89 -5.10 -32.63
C VAL A 546 33.73 -4.11 -32.46
N VAL A 547 33.99 -2.89 -31.97
CA VAL A 547 32.94 -1.92 -31.66
C VAL A 547 32.10 -1.52 -32.87
N SER A 548 30.78 -1.42 -32.69
CA SER A 548 29.82 -1.17 -33.77
C SER A 548 28.81 -0.07 -33.43
N VAL A 549 28.51 0.82 -34.37
CA VAL A 549 27.56 1.90 -34.18
C VAL A 549 26.12 1.38 -34.10
N GLY A 550 25.38 1.79 -33.07
CA GLY A 550 24.02 1.32 -32.81
C GLY A 550 22.98 1.83 -33.81
N GLN A 551 21.79 1.22 -33.81
CA GLN A 551 20.68 1.61 -34.68
C GLN A 551 20.13 3.01 -34.35
N GLU A 552 19.84 3.29 -33.07
CA GLU A 552 19.49 4.61 -32.55
C GLU A 552 20.56 5.12 -31.59
N PRO A 553 21.13 6.32 -31.80
CA PRO A 553 22.10 6.92 -30.87
C PRO A 553 21.59 6.92 -29.43
N VAL A 554 22.46 6.54 -28.50
CA VAL A 554 22.25 6.71 -27.07
C VAL A 554 23.53 7.19 -26.39
N LEU A 555 23.42 8.13 -25.46
CA LEU A 555 24.54 8.63 -24.68
C LEU A 555 24.15 8.78 -23.22
N PHE A 556 24.96 8.26 -22.30
CA PHE A 556 24.72 8.39 -20.88
C PHE A 556 24.96 9.84 -20.41
N SER A 557 24.30 10.27 -19.35
CA SER A 557 24.40 11.62 -18.80
C SER A 557 25.81 11.93 -18.29
N GLY A 558 26.26 13.16 -18.51
CA GLY A 558 27.60 13.61 -18.12
C GLY A 558 28.16 14.69 -19.05
N SER A 559 29.44 14.99 -18.92
CA SER A 559 30.15 15.88 -19.84
C SER A 559 30.47 15.17 -21.17
N VAL A 560 30.52 15.91 -22.28
CA VAL A 560 30.89 15.34 -23.58
C VAL A 560 32.29 14.68 -23.59
N ARG A 561 33.25 15.23 -22.84
CA ARG A 561 34.58 14.68 -22.64
C ARG A 561 34.63 13.38 -21.83
N ASN A 562 33.52 12.98 -21.20
CA ASN A 562 33.32 11.65 -20.62
C ASN A 562 32.39 10.77 -21.48
N ASN A 563 31.29 11.32 -22.00
CA ASN A 563 30.33 10.58 -22.83
C ASN A 563 30.88 10.16 -24.20
N ILE A 564 31.86 10.87 -24.76
CA ILE A 564 32.54 10.52 -26.00
C ILE A 564 33.64 9.45 -25.86
N ALA A 565 33.92 8.96 -24.65
CA ALA A 565 34.96 7.95 -24.41
C ALA A 565 34.57 6.94 -23.30
N TYR A 566 33.27 6.68 -23.14
CA TYR A 566 32.78 5.68 -22.19
C TYR A 566 33.43 4.31 -22.43
N GLY A 567 33.92 3.66 -21.38
CA GLY A 567 34.59 2.37 -21.48
C GLY A 567 36.05 2.43 -21.94
N LEU A 568 36.60 3.59 -22.29
CA LEU A 568 38.04 3.73 -22.43
C LEU A 568 38.72 3.67 -21.06
N GLN A 569 39.75 2.84 -20.89
CA GLN A 569 40.44 2.71 -19.59
C GLN A 569 41.19 3.99 -19.18
N SER A 570 41.75 4.70 -20.16
CA SER A 570 42.34 6.04 -20.05
C SER A 570 42.32 6.75 -21.40
N CYS A 571 42.38 8.08 -21.42
CA CYS A 571 42.35 8.87 -22.65
C CYS A 571 42.90 10.29 -22.45
N GLU A 572 43.18 10.98 -23.56
CA GLU A 572 43.61 12.38 -23.60
C GLU A 572 42.64 13.23 -24.42
N ASP A 573 42.47 14.51 -24.04
CA ASP A 573 41.55 15.42 -24.71
C ASP A 573 41.89 15.68 -26.18
N ASP A 574 43.17 15.56 -26.56
CA ASP A 574 43.62 15.63 -27.94
C ASP A 574 43.04 14.50 -28.81
N LYS A 575 42.94 13.28 -28.29
CA LYS A 575 42.35 12.15 -29.00
C LYS A 575 40.85 12.35 -29.25
N VAL A 576 40.11 12.81 -28.22
CA VAL A 576 38.70 13.14 -28.36
C VAL A 576 38.45 14.31 -29.32
N MET A 577 39.29 15.35 -29.29
CA MET A 577 39.20 16.49 -30.20
C MET A 577 39.47 16.09 -31.66
N ALA A 578 40.46 15.22 -31.89
CA ALA A 578 40.71 14.64 -33.20
C ALA A 578 39.54 13.76 -33.67
N ALA A 579 38.96 12.93 -32.78
CA ALA A 579 37.81 12.11 -33.11
C ALA A 579 36.57 12.95 -33.48
N ALA A 580 36.29 14.03 -32.75
CA ALA A 580 35.18 14.93 -33.08
C ALA A 580 35.38 15.61 -34.45
N GLN A 581 36.61 16.03 -34.77
CA GLN A 581 36.93 16.54 -36.10
C GLN A 581 36.76 15.47 -37.19
N ALA A 582 37.26 14.25 -36.95
CA ALA A 582 37.14 13.13 -37.87
C ALA A 582 35.68 12.72 -38.14
N ALA A 583 34.83 12.76 -37.12
CA ALA A 583 33.40 12.49 -37.23
C ALA A 583 32.57 13.69 -37.72
N HIS A 584 33.20 14.81 -38.09
CA HIS A 584 32.55 16.07 -38.47
C HIS A 584 31.64 16.68 -37.39
N ALA A 585 31.85 16.33 -36.12
CA ALA A 585 31.16 16.87 -34.95
C ALA A 585 31.84 18.11 -34.32
N ASP A 586 33.03 18.48 -34.80
CA ASP A 586 33.84 19.57 -34.23
C ASP A 586 33.12 20.92 -34.14
N ASP A 587 32.22 21.23 -35.07
CA ASP A 587 31.42 22.46 -35.06
C ASP A 587 30.51 22.56 -33.83
N PHE A 588 29.76 21.50 -33.52
CA PHE A 588 28.94 21.43 -32.32
C PHE A 588 29.78 21.42 -31.04
N ILE A 589 30.90 20.69 -31.02
CA ILE A 589 31.79 20.61 -29.85
C ILE A 589 32.48 21.94 -29.51
N GLN A 590 32.93 22.70 -30.51
CA GLN A 590 33.59 24.00 -30.29
C GLN A 590 32.61 25.13 -29.94
N GLU A 591 31.34 25.03 -30.34
CA GLU A 591 30.30 26.03 -30.01
C GLU A 591 29.70 25.91 -28.60
N MET A 592 30.04 24.86 -27.86
CA MET A 592 29.48 24.57 -26.54
C MET A 592 29.92 25.54 -25.42
N GLU A 593 29.15 25.61 -24.34
CA GLU A 593 29.39 26.52 -23.21
C GLU A 593 30.70 26.28 -22.43
N HIS A 594 31.30 25.10 -22.58
CA HIS A 594 32.58 24.73 -21.98
C HIS A 594 33.45 23.85 -22.90
N GLY A 595 33.26 23.96 -24.22
CA GLY A 595 33.85 23.03 -25.20
C GLY A 595 33.47 21.58 -24.93
N ILE A 596 34.44 20.66 -25.03
CA ILE A 596 34.25 19.25 -24.68
C ILE A 596 33.83 19.03 -23.23
N TYR A 597 34.12 19.95 -22.31
CA TYR A 597 33.70 19.86 -20.91
C TYR A 597 32.24 20.26 -20.63
N THR A 598 31.47 20.71 -21.63
CA THR A 598 30.06 21.05 -21.45
C THR A 598 29.19 19.83 -21.15
N ASP A 599 28.13 20.01 -20.35
CA ASP A 599 27.20 18.94 -20.00
C ASP A 599 26.25 18.57 -21.13
N VAL A 600 26.06 17.28 -21.39
CA VAL A 600 25.14 16.76 -22.42
C VAL A 600 23.68 16.61 -21.95
N GLY A 601 23.34 17.10 -20.76
CA GLY A 601 22.00 16.98 -20.17
C GLY A 601 21.65 15.57 -19.69
N GLU A 602 20.48 15.42 -19.08
CA GLU A 602 19.98 14.12 -18.61
C GLU A 602 19.65 13.19 -19.78
N LYS A 603 20.17 11.97 -19.77
CA LYS A 603 19.96 10.95 -20.80
C LYS A 603 20.22 11.40 -22.25
N GLY A 604 21.09 12.39 -22.45
CA GLY A 604 21.38 12.95 -23.78
C GLY A 604 20.27 13.81 -24.38
N SER A 605 19.27 14.23 -23.60
CA SER A 605 18.16 15.05 -24.08
C SER A 605 18.54 16.49 -24.48
N GLN A 606 19.68 17.01 -24.02
CA GLN A 606 20.17 18.37 -24.30
C GLN A 606 21.07 18.43 -25.55
N LEU A 607 20.61 17.87 -26.67
CA LEU A 607 21.31 17.91 -27.95
C LEU A 607 20.34 17.74 -29.14
N ALA A 608 20.78 18.10 -30.35
CA ALA A 608 20.05 17.80 -31.58
C ALA A 608 20.14 16.31 -31.95
N ALA A 609 19.16 15.77 -32.68
CA ALA A 609 19.20 14.36 -33.11
C ALA A 609 20.37 14.07 -34.06
N GLY A 610 20.66 14.99 -34.98
CA GLY A 610 21.84 14.92 -35.84
C GLY A 610 23.16 15.10 -35.08
N GLN A 611 23.17 15.99 -34.08
CA GLN A 611 24.30 16.11 -33.15
C GLN A 611 24.51 14.83 -32.33
N LYS A 612 23.44 14.17 -31.91
CA LYS A 612 23.48 12.89 -31.22
C LYS A 612 24.09 11.78 -32.10
N GLN A 613 23.67 11.69 -33.37
CA GLN A 613 24.26 10.77 -34.33
C GLN A 613 25.75 11.05 -34.58
N ARG A 614 26.14 12.33 -34.67
CA ARG A 614 27.55 12.71 -34.78
C ARG A 614 28.36 12.33 -33.54
N LEU A 615 27.81 12.56 -32.34
CA LEU A 615 28.46 12.15 -31.09
C LEU A 615 28.60 10.63 -31.01
N ALA A 616 27.58 9.86 -31.40
CA ALA A 616 27.65 8.40 -31.45
C ALA A 616 28.70 7.90 -32.45
N ILE A 617 28.78 8.50 -33.64
CA ILE A 617 29.84 8.18 -34.62
C ILE A 617 31.24 8.48 -34.08
N ALA A 618 31.43 9.60 -33.38
CA ALA A 618 32.69 9.88 -32.72
C ALA A 618 33.00 8.85 -31.62
N ARG A 619 32.01 8.48 -30.80
CA ARG A 619 32.18 7.49 -29.73
C ARG A 619 32.54 6.10 -30.27
N ALA A 620 32.10 5.74 -31.48
CA ALA A 620 32.55 4.54 -32.15
C ALA A 620 33.99 4.68 -32.67
N LEU A 621 34.32 5.78 -33.35
CA LEU A 621 35.66 5.98 -33.93
C LEU A 621 36.78 6.22 -32.89
N VAL A 622 36.46 6.75 -31.70
CA VAL A 622 37.45 7.08 -30.67
C VAL A 622 38.20 5.86 -30.12
N ARG A 623 37.60 4.66 -30.17
CA ARG A 623 38.24 3.40 -29.80
C ARG A 623 39.14 2.79 -30.90
N ASP A 624 39.18 3.39 -32.09
CA ASP A 624 39.88 2.88 -33.29
C ASP A 624 39.60 1.40 -33.65
N PRO A 625 38.33 0.96 -33.77
CA PRO A 625 38.00 -0.45 -34.03
C PRO A 625 38.60 -0.98 -35.34
N ARG A 626 38.93 -2.28 -35.36
CA ARG A 626 39.47 -2.97 -36.54
C ARG A 626 38.41 -3.70 -37.39
N VAL A 627 37.20 -3.93 -36.85
CA VAL A 627 36.10 -4.62 -37.53
C VAL A 627 34.74 -4.00 -37.24
N LEU A 628 34.52 -2.74 -37.61
CA LEU A 628 33.33 -1.97 -37.28
C LEU A 628 32.05 -2.39 -38.03
N ILE A 629 30.91 -1.88 -37.60
CA ILE A 629 29.61 -2.11 -38.23
C ILE A 629 28.68 -0.90 -38.17
N LEU A 630 27.73 -0.82 -39.10
CA LEU A 630 26.75 0.25 -39.23
C LEU A 630 25.31 -0.28 -39.35
N ASP A 631 24.35 0.44 -38.75
CA ASP A 631 22.95 0.02 -38.62
C ASP A 631 21.95 1.01 -39.25
N GLU A 632 22.28 1.53 -40.44
CA GLU A 632 21.46 2.44 -41.24
C GLU A 632 21.15 3.83 -40.63
N ALA A 633 21.85 4.24 -39.57
CA ALA A 633 21.63 5.54 -38.90
C ALA A 633 21.91 6.75 -39.82
N THR A 634 22.86 6.64 -40.75
CA THR A 634 23.17 7.69 -41.72
C THR A 634 22.11 7.89 -42.82
N SER A 635 21.05 7.06 -42.87
CA SER A 635 19.97 7.21 -43.84
C SER A 635 19.05 8.40 -43.52
N ALA A 636 18.69 8.58 -42.25
CA ALA A 636 17.99 9.78 -41.76
C ALA A 636 18.95 10.96 -41.51
N LEU A 637 20.19 10.67 -41.11
CA LEU A 637 21.25 11.66 -40.93
C LEU A 637 21.76 12.25 -42.26
N ASP A 638 22.70 13.19 -42.17
CA ASP A 638 23.36 13.74 -43.36
C ASP A 638 24.26 12.72 -44.05
N VAL A 639 24.24 12.69 -45.38
CA VAL A 639 25.12 11.85 -46.20
C VAL A 639 26.62 12.15 -45.99
N GLN A 640 26.96 13.36 -45.52
CA GLN A 640 28.33 13.72 -45.15
C GLN A 640 28.89 12.83 -44.03
N CYS A 641 28.06 12.38 -43.09
CA CYS A 641 28.45 11.44 -42.04
C CYS A 641 28.81 10.06 -42.62
N GLU A 642 28.02 9.55 -43.55
CA GLU A 642 28.31 8.30 -44.25
C GLU A 642 29.58 8.39 -45.10
N GLN A 643 29.79 9.51 -45.80
CA GLN A 643 31.00 9.78 -46.56
C GLN A 643 32.25 9.85 -45.66
N ALA A 644 32.17 10.55 -44.53
CA ALA A 644 33.25 10.60 -43.55
C ALA A 644 33.57 9.23 -42.94
N LEU A 645 32.55 8.43 -42.63
CA LEU A 645 32.71 7.04 -42.16
C LEU A 645 33.39 6.14 -43.19
N GLN A 646 32.96 6.19 -44.45
CA GLN A 646 33.57 5.45 -45.55
C GLN A 646 35.02 5.87 -45.83
N ASP A 647 35.32 7.17 -45.75
CA ASP A 647 36.67 7.70 -45.96
C ASP A 647 37.64 7.36 -44.82
N TRP A 648 37.21 7.50 -43.56
CA TRP A 648 38.07 7.38 -42.38
C TRP A 648 38.21 5.95 -41.84
N ASN A 649 37.11 5.20 -41.69
CA ASN A 649 37.17 3.83 -41.17
C ASN A 649 37.75 2.84 -42.19
N SER A 650 37.50 3.04 -43.48
CA SER A 650 38.05 2.26 -44.57
C SER A 650 39.41 2.75 -45.09
N ARG A 651 40.09 3.65 -44.37
CA ARG A 651 41.39 4.21 -44.74
C ARG A 651 42.60 3.27 -44.52
N GLY A 652 42.39 1.95 -44.52
CA GLY A 652 43.42 0.95 -44.27
C GLY A 652 42.87 -0.47 -44.26
N ASP A 653 43.47 -1.36 -43.47
CA ASP A 653 43.06 -2.76 -43.35
C ASP A 653 41.69 -2.98 -42.68
N ARG A 654 41.14 -2.02 -41.94
CA ARG A 654 39.89 -2.20 -41.19
C ARG A 654 38.71 -2.57 -42.09
N THR A 655 38.06 -3.69 -41.80
CA THR A 655 36.84 -4.12 -42.47
C THR A 655 35.58 -3.45 -41.89
N VAL A 656 34.55 -3.24 -42.70
CA VAL A 656 33.26 -2.69 -42.25
C VAL A 656 32.08 -3.38 -42.92
N LEU A 657 30.99 -3.61 -42.18
CA LEU A 657 29.75 -4.15 -42.72
C LEU A 657 28.55 -3.30 -42.29
N VAL A 658 27.61 -3.11 -43.19
CA VAL A 658 26.44 -2.25 -42.97
C VAL A 658 25.13 -2.99 -43.25
N ILE A 659 24.12 -2.77 -42.43
CA ILE A 659 22.75 -3.23 -42.66
C ILE A 659 21.80 -2.05 -42.84
N ALA A 660 21.13 -1.98 -44.00
CA ALA A 660 20.17 -0.93 -44.35
C ALA A 660 19.15 -1.41 -45.39
N HIS A 661 17.95 -0.82 -45.38
CA HIS A 661 16.92 -1.09 -46.38
C HIS A 661 17.05 -0.25 -47.67
N ARG A 662 17.69 0.92 -47.61
CA ARG A 662 17.83 1.82 -48.76
C ARG A 662 18.83 1.29 -49.81
N LEU A 663 18.43 1.28 -51.08
CA LEU A 663 19.30 0.87 -52.19
C LEU A 663 20.50 1.79 -52.43
N GLN A 664 20.46 3.04 -51.96
CA GLN A 664 21.57 3.99 -52.10
C GLN A 664 22.84 3.56 -51.37
N THR A 665 22.72 2.90 -50.22
CA THR A 665 23.85 2.29 -49.52
C THR A 665 24.43 1.11 -50.30
N VAL A 666 23.58 0.23 -50.82
CA VAL A 666 23.97 -0.90 -51.65
C VAL A 666 24.64 -0.48 -52.97
N GLN A 667 24.27 0.68 -53.54
CA GLN A 667 24.91 1.24 -54.72
C GLN A 667 26.34 1.76 -54.47
N ARG A 668 26.62 2.28 -53.27
CA ARG A 668 27.96 2.72 -52.87
C ARG A 668 28.86 1.59 -52.32
N ALA A 669 28.28 0.47 -51.90
CA ALA A 669 29.02 -0.67 -51.33
C ALA A 669 29.87 -1.42 -52.37
N HIS A 670 31.07 -1.86 -51.96
CA HIS A 670 31.97 -2.68 -52.78
C HIS A 670 31.55 -4.15 -52.93
N GLN A 671 30.71 -4.64 -52.01
CA GLN A 671 30.12 -5.98 -52.03
C GLN A 671 28.78 -5.99 -51.27
N ILE A 672 27.94 -6.98 -51.54
CA ILE A 672 26.60 -7.09 -50.93
C ILE A 672 26.21 -8.54 -50.65
N LEU A 673 25.28 -8.72 -49.71
CA LEU A 673 24.73 -10.00 -49.30
C LEU A 673 23.23 -9.91 -49.01
N VAL A 674 22.43 -10.76 -49.64
CA VAL A 674 20.97 -10.75 -49.50
C VAL A 674 20.48 -11.90 -48.60
N LEU A 675 19.48 -11.62 -47.76
CA LEU A 675 18.80 -12.62 -46.95
C LEU A 675 17.32 -12.26 -46.75
N GLN A 676 16.46 -13.26 -46.62
CA GLN A 676 15.03 -13.11 -46.41
C GLN A 676 14.43 -14.29 -45.64
N GLU A 677 13.36 -14.07 -44.89
CA GLU A 677 12.72 -15.10 -44.07
C GLU A 677 13.67 -15.86 -43.11
N GLY A 678 14.72 -15.18 -42.62
CA GLY A 678 15.73 -15.76 -41.74
C GLY A 678 16.86 -16.55 -42.44
N LYS A 679 16.85 -16.67 -43.76
CA LYS A 679 17.84 -17.42 -44.55
C LYS A 679 18.49 -16.56 -45.64
N LEU A 680 19.73 -16.86 -46.02
CA LEU A 680 20.40 -16.17 -47.12
C LEU A 680 19.71 -16.44 -48.48
N GLN A 681 19.83 -15.51 -49.44
CA GLN A 681 19.14 -15.53 -50.74
C GLN A 681 20.06 -15.18 -51.92
N LEU B 40 -1.78 -1.29 24.90
CA LEU B 40 -0.76 -0.26 25.22
C LEU B 40 0.32 -0.86 26.12
N GLU B 41 1.08 -1.80 25.58
CA GLU B 41 2.25 -2.30 26.30
C GLU B 41 3.30 -1.19 26.35
N ARG B 42 3.67 -0.74 27.55
CA ARG B 42 4.74 0.28 27.69
C ARG B 42 6.03 -0.18 27.01
N ALA B 43 6.32 -1.47 27.03
CA ALA B 43 7.45 -2.03 26.32
C ALA B 43 7.40 -1.96 24.78
N LEU B 44 6.27 -1.58 24.18
CA LEU B 44 6.18 -1.18 22.78
C LEU B 44 5.95 0.32 22.65
N LEU B 45 5.77 1.05 23.75
CA LEU B 45 5.56 2.49 23.69
C LEU B 45 6.84 3.28 23.85
N GLU B 46 7.80 2.77 24.62
CA GLU B 46 8.99 3.57 24.90
C GLU B 46 9.82 3.85 23.64
N GLN B 47 9.83 2.94 22.67
CA GLN B 47 10.52 3.10 21.38
C GLN B 47 9.88 4.16 20.48
N GLN B 48 8.67 4.65 20.78
CA GLN B 48 8.14 5.81 20.06
C GLN B 48 9.00 7.04 20.33
N SER B 49 9.44 7.22 21.57
CA SER B 49 10.33 8.31 21.97
C SER B 49 11.78 7.96 21.67
N SER B 50 12.61 8.96 21.39
CA SER B 50 14.03 8.75 21.11
C SER B 50 14.90 8.42 22.34
N ALA B 51 14.31 8.29 23.53
CA ALA B 51 15.05 7.87 24.72
C ALA B 51 15.57 6.44 24.61
N CYS B 52 14.83 5.56 23.93
CA CYS B 52 15.23 4.18 23.72
C CYS B 52 15.02 3.67 22.31
N GLY B 53 14.16 4.27 21.50
CA GLY B 53 13.91 3.84 20.12
C GLY B 53 15.01 4.25 19.14
N LEU B 54 14.79 3.91 17.87
CA LEU B 54 15.64 4.24 16.74
C LEU B 54 14.78 4.83 15.60
N PRO B 55 15.35 5.60 14.66
CA PRO B 55 14.57 6.20 13.59
C PRO B 55 13.92 5.14 12.70
N GLY B 56 12.71 5.41 12.23
CA GLY B 56 11.91 4.49 11.40
C GLY B 56 11.16 3.39 12.17
N SER B 57 11.32 3.28 13.49
CA SER B 57 10.68 2.25 14.32
C SER B 57 9.20 2.52 14.68
N SER B 58 8.66 3.70 14.44
CA SER B 58 7.39 4.16 15.04
C SER B 58 6.10 3.49 14.52
N THR B 59 6.08 2.99 13.29
CA THR B 59 4.87 2.40 12.68
C THR B 59 4.63 0.98 13.23
N GLU B 60 3.80 0.86 14.26
CA GLU B 60 3.40 -0.43 14.84
C GLU B 60 2.17 -1.00 14.12
N THR B 61 2.39 -1.82 13.09
CA THR B 61 1.36 -2.53 12.32
C THR B 61 1.73 -3.99 12.12
N ARG B 62 0.77 -4.91 12.26
CA ARG B 62 0.92 -6.34 11.91
C ARG B 62 0.89 -6.56 10.39
N PRO B 63 1.45 -7.67 9.87
CA PRO B 63 1.74 -7.84 8.43
C PRO B 63 0.51 -7.78 7.54
N SER B 64 -0.59 -8.39 7.99
CA SER B 64 -1.90 -8.32 7.33
C SER B 64 -2.97 -8.66 8.33
N HIS B 65 -4.24 -8.52 7.96
CA HIS B 65 -5.34 -8.78 8.90
C HIS B 65 -5.24 -10.16 9.53
N PRO B 66 -5.30 -11.21 8.70
CA PRO B 66 -5.28 -12.58 9.26
C PRO B 66 -3.87 -13.10 9.38
N CYS B 67 -3.64 -14.07 10.26
CA CYS B 67 -2.31 -14.67 10.37
C CYS B 67 -2.19 -15.75 11.44
N PRO B 68 -1.78 -16.98 11.03
CA PRO B 68 -1.53 -18.02 12.01
C PRO B 68 -0.25 -17.74 12.80
N GLU B 69 -0.11 -18.33 13.98
CA GLU B 69 1.13 -18.29 14.76
C GLU B 69 2.12 -19.37 14.27
N ASP B 70 3.42 -19.06 14.18
CA ASP B 70 4.43 -20.07 13.86
C ASP B 70 4.70 -21.02 15.04
N PRO B 71 4.90 -22.32 14.81
CA PRO B 71 5.12 -23.27 15.90
C PRO B 71 6.42 -22.97 16.64
N ASP B 72 7.46 -22.51 15.93
CA ASP B 72 8.77 -22.27 16.53
C ASP B 72 8.74 -21.15 17.57
N VAL B 73 7.93 -20.11 17.41
CA VAL B 73 7.74 -19.12 18.48
C VAL B 73 6.85 -19.70 19.59
N SER B 74 5.90 -20.58 19.28
CA SER B 74 5.12 -21.26 20.31
C SER B 74 5.99 -22.15 21.22
N ARG B 75 7.09 -22.71 20.72
CA ARG B 75 8.07 -23.44 21.54
C ARG B 75 8.62 -22.58 22.67
N LEU B 76 8.86 -21.28 22.43
CA LEU B 76 9.46 -20.36 23.40
C LEU B 76 8.55 -20.10 24.60
N ARG B 77 7.23 -20.20 24.48
CA ARG B 77 6.35 -20.05 25.65
C ARG B 77 6.66 -21.09 26.72
N LEU B 78 6.91 -22.34 26.34
CA LEU B 78 7.26 -23.39 27.30
C LEU B 78 8.57 -23.04 28.01
N LEU B 79 9.55 -22.49 27.30
CA LEU B 79 10.81 -22.04 27.91
C LEU B 79 10.57 -20.95 28.97
N LEU B 80 9.64 -20.02 28.73
CA LEU B 80 9.28 -19.03 29.73
C LEU B 80 8.60 -19.66 30.96
N VAL B 81 7.74 -20.66 30.77
CA VAL B 81 7.10 -21.34 31.90
C VAL B 81 8.12 -22.13 32.73
N VAL B 82 8.98 -22.94 32.13
CA VAL B 82 9.97 -23.69 32.93
C VAL B 82 11.01 -22.76 33.57
N LEU B 83 11.31 -21.60 32.97
CA LEU B 83 12.11 -20.56 33.62
C LEU B 83 11.41 -20.07 34.88
N CYS B 84 10.13 -19.72 34.81
CA CYS B 84 9.39 -19.26 35.99
C CYS B 84 9.26 -20.35 37.05
N VAL B 85 9.10 -21.61 36.65
CA VAL B 85 9.10 -22.73 37.59
C VAL B 85 10.44 -22.82 38.31
N LEU B 86 11.55 -22.83 37.59
CA LEU B 86 12.87 -22.93 38.23
C LEU B 86 13.15 -21.73 39.13
N PHE B 87 12.79 -20.52 38.71
CA PHE B 87 12.97 -19.33 39.53
C PHE B 87 12.12 -19.39 40.81
N GLY B 88 10.88 -19.86 40.70
CA GLY B 88 10.02 -20.10 41.86
C GLY B 88 10.64 -21.08 42.84
N LEU B 89 11.03 -22.27 42.37
CA LEU B 89 11.66 -23.28 43.21
C LEU B 89 12.96 -22.77 43.83
N LEU B 90 13.73 -21.93 43.13
CA LEU B 90 14.91 -21.29 43.71
C LEU B 90 14.53 -20.39 44.90
N CYS B 91 13.52 -19.53 44.76
CA CYS B 91 13.10 -18.68 45.88
C CYS B 91 12.45 -19.48 47.01
N LEU B 92 11.86 -20.64 46.72
CA LEU B 92 11.27 -21.52 47.72
C LEU B 92 12.31 -22.08 48.71
N LEU B 93 13.60 -22.04 48.36
CA LEU B 93 14.69 -22.38 49.27
C LEU B 93 15.00 -21.27 50.30
N LEU B 94 14.42 -20.07 50.12
CA LEU B 94 14.78 -18.84 50.84
C LEU B 94 13.63 -18.25 51.69
N LEU C 177 -16.11 19.98 13.52
CA LEU C 177 -17.11 20.49 12.55
C LEU C 177 -17.76 19.31 11.82
N GLY C 178 -19.10 19.22 11.80
CA GLY C 178 -19.85 18.12 11.15
C GLY C 178 -19.84 16.78 11.88
N CYS C 179 -19.77 16.79 13.22
CA CYS C 179 -19.82 15.59 14.06
C CYS C 179 -21.19 14.88 13.95
N LEU C 180 -21.19 13.55 14.05
CA LEU C 180 -22.40 12.70 14.03
C LEU C 180 -22.66 11.96 15.37
N GLY C 181 -22.13 12.47 16.49
CA GLY C 181 -22.39 11.91 17.81
C GLY C 181 -23.82 12.15 18.31
N SER C 182 -24.81 11.55 17.64
CA SER C 182 -26.25 11.71 17.92
C SER C 182 -26.76 10.87 19.09
N GLU C 183 -26.10 9.76 19.40
CA GLU C 183 -26.41 8.91 20.55
C GLU C 183 -25.99 9.55 21.88
N THR C 184 -26.19 10.85 22.05
CA THR C 184 -25.78 11.61 23.24
C THR C 184 -26.32 11.00 24.52
N ARG C 185 -27.49 10.35 24.49
CA ARG C 185 -27.99 9.56 25.60
C ARG C 185 -27.06 8.41 25.94
N ARG C 186 -26.86 7.50 25.01
CA ARG C 186 -26.04 6.32 25.26
C ARG C 186 -24.57 6.70 25.50
N LEU C 187 -24.08 7.74 24.84
CA LEU C 187 -22.73 8.27 25.00
C LEU C 187 -22.56 9.02 26.33
N SER C 188 -23.56 9.76 26.81
CA SER C 188 -23.44 10.52 28.06
C SER C 188 -23.11 9.63 29.26
N LEU C 189 -23.67 8.43 29.32
CA LEU C 189 -23.35 7.45 30.36
C LEU C 189 -21.90 6.98 30.28
N PHE C 190 -21.26 6.95 29.11
CA PHE C 190 -19.85 6.59 29.01
C PHE C 190 -18.96 7.57 29.77
N LEU C 191 -19.28 8.87 29.79
CA LEU C 191 -18.52 9.84 30.58
C LEU C 191 -18.65 9.59 32.09
N VAL C 192 -19.82 9.21 32.58
CA VAL C 192 -19.98 8.82 33.98
C VAL C 192 -19.17 7.57 34.29
N LEU C 193 -19.25 6.54 33.44
CA LEU C 193 -18.50 5.31 33.66
C LEU C 193 -16.98 5.55 33.63
N VAL C 194 -16.46 6.34 32.68
CA VAL C 194 -15.00 6.56 32.60
C VAL C 194 -14.49 7.34 33.82
N VAL C 195 -15.15 8.42 34.25
CA VAL C 195 -14.68 9.17 35.43
C VAL C 195 -14.76 8.32 36.69
N LEU C 196 -15.83 7.56 36.91
CA LEU C 196 -15.92 6.66 38.06
C LEU C 196 -14.85 5.56 38.02
N SER C 197 -14.53 5.02 36.85
CA SER C 197 -13.47 4.01 36.76
C SER C 197 -12.12 4.63 37.13
N SER C 198 -11.84 5.83 36.63
CA SER C 198 -10.61 6.57 36.91
C SER C 198 -10.45 6.86 38.39
N LEU C 199 -11.46 7.43 39.04
CA LEU C 199 -11.44 7.67 40.49
C LEU C 199 -11.21 6.38 41.27
N GLY C 200 -11.84 5.27 40.86
CA GLY C 200 -11.71 4.00 41.56
C GLY C 200 -10.35 3.33 41.37
N GLU C 201 -9.64 3.56 40.27
CA GLU C 201 -8.33 2.95 40.01
C GLU C 201 -7.23 3.52 40.93
N MET C 202 -7.44 4.72 41.45
CA MET C 202 -6.46 5.45 42.26
C MET C 202 -6.28 4.93 43.69
N ALA C 203 -6.96 3.88 44.12
CA ALA C 203 -6.87 3.45 45.52
C ALA C 203 -5.45 3.00 45.91
N ILE C 204 -4.75 2.29 45.02
CA ILE C 204 -3.50 1.60 45.39
C ILE C 204 -2.43 2.53 45.97
N PRO C 205 -2.02 3.63 45.33
CA PRO C 205 -0.95 4.44 45.85
C PRO C 205 -1.37 5.19 47.11
N PHE C 206 -2.51 5.86 47.11
CA PHE C 206 -2.98 6.68 48.24
C PHE C 206 -3.12 5.85 49.52
N PHE C 207 -3.77 4.70 49.45
CA PHE C 207 -3.86 3.82 50.60
C PHE C 207 -2.52 3.17 50.95
N THR C 208 -1.59 2.96 50.00
CA THR C 208 -0.23 2.55 50.34
C THR C 208 0.45 3.60 51.21
N GLY C 209 0.38 4.87 50.84
CA GLY C 209 1.01 5.93 51.62
C GLY C 209 0.39 6.06 53.01
N ARG C 210 -0.94 6.10 53.11
CA ARG C 210 -1.64 6.16 54.39
C ARG C 210 -1.29 4.98 55.29
N LEU C 211 -1.43 3.75 54.80
CA LEU C 211 -1.10 2.57 55.59
C LEU C 211 0.36 2.53 56.02
N THR C 212 1.29 2.93 55.16
CA THR C 212 2.71 2.93 55.53
C THR C 212 2.98 3.89 56.67
N ASP C 213 2.39 5.10 56.62
CA ASP C 213 2.50 6.04 57.73
C ASP C 213 1.83 5.50 59.00
N TRP C 214 0.65 4.89 58.86
CA TRP C 214 -0.07 4.30 59.98
C TRP C 214 0.75 3.24 60.71
N ILE C 215 1.45 2.37 59.98
CA ILE C 215 2.36 1.38 60.58
C ILE C 215 3.56 2.05 61.24
N LEU C 216 4.16 3.07 60.60
CA LEU C 216 5.37 3.70 61.15
C LEU C 216 5.11 4.43 62.49
N GLN C 217 3.88 4.89 62.73
CA GLN C 217 3.47 5.48 64.01
C GLN C 217 2.71 4.49 64.92
N ASP C 218 2.73 3.18 64.65
CA ASP C 218 2.05 2.14 65.45
C ASP C 218 0.53 2.36 65.66
N GLY C 219 -0.20 2.69 64.60
CA GLY C 219 -1.67 2.77 64.60
C GLY C 219 -2.39 1.43 64.73
N SER C 220 -3.71 1.45 65.01
CA SER C 220 -4.52 0.24 65.26
C SER C 220 -4.60 -0.71 64.06
N ALA C 221 -4.68 -2.01 64.33
CA ALA C 221 -4.82 -3.02 63.27
C ALA C 221 -6.22 -3.05 62.63
N ASP C 222 -7.27 -2.64 63.34
CA ASP C 222 -8.65 -2.64 62.82
C ASP C 222 -8.80 -1.69 61.62
N THR C 223 -8.33 -0.45 61.74
CA THR C 223 -8.32 0.51 60.63
C THR C 223 -7.43 0.02 59.48
N PHE C 224 -6.32 -0.67 59.78
CA PHE C 224 -5.46 -1.27 58.78
C PHE C 224 -6.21 -2.32 57.92
N THR C 225 -6.85 -3.32 58.52
CA THR C 225 -7.61 -4.32 57.74
C THR C 225 -8.84 -3.72 57.07
N ARG C 226 -9.48 -2.73 57.70
CA ARG C 226 -10.59 -1.98 57.08
C ARG C 226 -10.11 -1.26 55.82
N ASN C 227 -8.97 -0.56 55.91
CA ASN C 227 -8.40 0.12 54.75
C ASN C 227 -8.09 -0.86 53.62
N LEU C 228 -7.40 -1.94 53.93
CA LEU C 228 -7.14 -2.97 52.92
C LEU C 228 -8.43 -3.44 52.23
N THR C 229 -9.47 -3.73 53.00
CA THR C 229 -10.75 -4.18 52.43
C THR C 229 -11.34 -3.13 51.51
N LEU C 230 -11.30 -1.85 51.92
CA LEU C 230 -11.78 -0.76 51.09
C LEU C 230 -10.98 -0.63 49.80
N MET C 231 -9.65 -0.65 49.84
CA MET C 231 -8.88 -0.47 48.60
C MET C 231 -9.07 -1.64 47.64
N SER C 232 -9.32 -2.85 48.15
CA SER C 232 -9.62 -4.00 47.30
C SER C 232 -10.97 -3.81 46.58
N ILE C 233 -12.01 -3.43 47.32
CA ILE C 233 -13.33 -3.16 46.72
C ILE C 233 -13.24 -2.06 45.65
N LEU C 234 -12.55 -0.96 45.93
CA LEU C 234 -12.41 0.13 44.96
C LEU C 234 -11.71 -0.30 43.69
N THR C 235 -10.57 -1.00 43.76
CA THR C 235 -9.86 -1.37 42.54
C THR C 235 -10.60 -2.41 41.71
N ILE C 236 -11.26 -3.40 42.33
CA ILE C 236 -12.11 -4.35 41.60
C ILE C 236 -13.26 -3.62 40.91
N ALA C 237 -13.96 -2.72 41.61
CA ALA C 237 -15.04 -1.96 41.00
C ALA C 237 -14.52 -1.08 39.86
N SER C 238 -13.33 -0.49 39.97
CA SER C 238 -12.75 0.27 38.85
C SER C 238 -12.59 -0.59 37.60
N ALA C 239 -12.02 -1.79 37.72
CA ALA C 239 -11.85 -2.67 36.58
C ALA C 239 -13.20 -3.04 35.92
N VAL C 240 -14.18 -3.40 36.73
CA VAL C 240 -15.51 -3.75 36.21
C VAL C 240 -16.15 -2.55 35.51
N LEU C 241 -16.09 -1.35 36.07
CA LEU C 241 -16.64 -0.17 35.41
C LEU C 241 -15.88 0.20 34.14
N GLU C 242 -14.57 -0.04 34.05
CA GLU C 242 -13.85 0.17 32.79
C GLU C 242 -14.39 -0.74 31.68
N PHE C 243 -14.55 -2.04 31.97
CA PHE C 243 -15.13 -2.99 31.02
C PHE C 243 -16.55 -2.62 30.58
N VAL C 244 -17.45 -2.27 31.51
CA VAL C 244 -18.81 -1.89 31.13
C VAL C 244 -18.82 -0.61 30.30
N GLY C 245 -17.99 0.38 30.62
CA GLY C 245 -17.86 1.58 29.81
C GLY C 245 -17.40 1.25 28.40
N ASP C 246 -16.35 0.44 28.25
CA ASP C 246 -15.86 0.04 26.95
C ASP C 246 -16.93 -0.70 26.13
N GLY C 247 -17.69 -1.60 26.73
CA GLY C 247 -18.80 -2.26 26.03
C GLY C 247 -19.83 -1.25 25.50
N ILE C 248 -20.30 -0.34 26.34
CA ILE C 248 -21.33 0.65 25.97
C ILE C 248 -20.85 1.60 24.88
N TYR C 249 -19.60 2.02 24.93
CA TYR C 249 -19.06 2.91 23.90
C TYR C 249 -18.92 2.19 22.56
N ASN C 250 -18.37 0.99 22.53
CA ASN C 250 -18.13 0.30 21.26
C ASN C 250 -19.42 -0.23 20.61
N ASN C 251 -20.44 -0.56 21.40
CA ASN C 251 -21.77 -0.84 20.87
C ASN C 251 -22.37 0.38 20.17
N THR C 252 -22.32 1.56 20.80
CA THR C 252 -22.76 2.83 20.20
C THR C 252 -21.98 3.13 18.94
N MET C 253 -20.66 3.04 19.00
CA MET C 253 -19.79 3.36 17.88
C MET C 253 -20.03 2.46 16.67
N GLY C 254 -20.25 1.16 16.89
CA GLY C 254 -20.60 0.24 15.82
C GLY C 254 -21.92 0.60 15.13
N HIS C 255 -22.94 1.01 15.90
CA HIS C 255 -24.20 1.47 15.33
C HIS C 255 -24.04 2.74 14.50
N VAL C 256 -23.34 3.76 14.99
CA VAL C 256 -23.13 5.00 14.21
C VAL C 256 -22.24 4.79 12.98
N HIS C 257 -21.25 3.91 13.04
CA HIS C 257 -20.46 3.51 11.87
C HIS C 257 -21.32 2.87 10.77
N SER C 258 -22.12 1.86 11.11
CA SER C 258 -23.00 1.20 10.15
C SER C 258 -23.99 2.20 9.54
N HIS C 259 -24.61 3.04 10.36
CA HIS C 259 -25.52 4.07 9.88
C HIS C 259 -24.84 5.03 8.90
N LEU C 260 -23.63 5.51 9.20
CA LEU C 260 -22.88 6.40 8.33
C LEU C 260 -22.50 5.73 7.00
N GLN C 261 -22.05 4.46 7.02
CA GLN C 261 -21.79 3.71 5.80
C GLN C 261 -23.04 3.61 4.91
N GLY C 262 -24.20 3.33 5.50
CA GLY C 262 -25.45 3.29 4.76
C GLY C 262 -25.83 4.65 4.16
N GLU C 263 -25.69 5.72 4.94
CA GLU C 263 -25.97 7.07 4.46
C GLU C 263 -25.08 7.46 3.28
N VAL C 264 -23.77 7.23 3.34
CA VAL C 264 -22.89 7.61 2.22
C VAL C 264 -23.17 6.79 0.96
N PHE C 265 -23.51 5.50 1.08
CA PHE C 265 -23.92 4.73 -0.09
C PHE C 265 -25.24 5.23 -0.69
N GLY C 266 -26.22 5.56 0.15
CA GLY C 266 -27.46 6.17 -0.34
C GLY C 266 -27.20 7.49 -1.07
N ALA C 267 -26.37 8.36 -0.50
CA ALA C 267 -26.04 9.64 -1.11
C ALA C 267 -25.28 9.48 -2.44
N VAL C 268 -24.33 8.54 -2.54
CA VAL C 268 -23.61 8.35 -3.81
C VAL C 268 -24.56 7.83 -4.90
N LEU C 269 -25.50 6.96 -4.56
CA LEU C 269 -26.45 6.38 -5.51
C LEU C 269 -27.49 7.40 -6.05
N ARG C 270 -27.77 8.48 -5.32
CA ARG C 270 -28.72 9.54 -5.73
C ARG C 270 -28.18 10.54 -6.74
N GLN C 271 -26.89 10.56 -7.08
CA GLN C 271 -26.37 11.53 -8.06
C GLN C 271 -26.94 11.32 -9.47
N GLU C 272 -26.82 12.32 -10.34
CA GLU C 272 -27.36 12.32 -11.70
C GLU C 272 -26.59 11.39 -12.66
N THR C 273 -27.28 10.85 -13.68
CA THR C 273 -26.68 9.91 -14.66
C THR C 273 -25.49 10.49 -15.41
N GLU C 274 -25.48 11.81 -15.62
CA GLU C 274 -24.39 12.55 -16.26
C GLU C 274 -23.08 12.56 -15.46
N PHE C 275 -23.11 12.32 -14.15
CA PHE C 275 -21.89 12.16 -13.35
C PHE C 275 -21.31 10.75 -13.54
N PHE C 276 -22.17 9.73 -13.59
CA PHE C 276 -21.78 8.33 -13.77
C PHE C 276 -21.29 7.97 -15.18
N GLN C 277 -21.48 8.83 -16.18
CA GLN C 277 -21.11 8.53 -17.58
C GLN C 277 -19.61 8.22 -17.77
N GLN C 278 -18.75 8.69 -16.86
CA GLN C 278 -17.29 8.50 -16.90
C GLN C 278 -16.90 7.04 -16.57
N ASN C 279 -16.72 6.19 -17.58
CA ASN C 279 -16.39 4.78 -17.37
C ASN C 279 -15.08 4.55 -16.58
N GLN C 280 -14.08 5.41 -16.73
CA GLN C 280 -12.80 5.31 -16.02
C GLN C 280 -12.91 5.55 -14.51
N THR C 281 -13.99 6.20 -14.06
CA THR C 281 -14.26 6.47 -12.64
C THR C 281 -14.93 5.30 -11.92
N GLY C 282 -15.14 4.15 -12.57
CA GLY C 282 -15.85 3.00 -12.01
C GLY C 282 -15.33 2.49 -10.65
N ASN C 283 -14.06 2.73 -10.33
CA ASN C 283 -13.48 2.34 -9.04
C ASN C 283 -13.73 3.35 -7.90
N ILE C 284 -14.16 4.59 -8.15
CA ILE C 284 -14.27 5.56 -7.05
C ILE C 284 -15.46 5.25 -6.15
N MET C 285 -16.61 4.85 -6.69
CA MET C 285 -17.69 4.33 -5.87
C MET C 285 -17.27 3.04 -5.13
N SER C 286 -16.43 2.23 -5.76
CA SER C 286 -15.89 0.99 -5.17
C SER C 286 -14.89 1.29 -4.04
N ARG C 287 -14.28 2.48 -4.01
CA ARG C 287 -13.28 2.89 -3.01
C ARG C 287 -13.81 3.80 -1.89
N VAL C 288 -14.80 4.66 -2.14
CA VAL C 288 -15.31 5.58 -1.10
C VAL C 288 -15.90 4.89 0.12
N THR C 289 -16.60 3.77 0.00
CA THR C 289 -17.02 3.04 1.19
C THR C 289 -15.81 2.52 1.98
N GLU C 290 -14.75 2.09 1.33
CA GLU C 290 -13.58 1.52 2.01
C GLU C 290 -12.81 2.58 2.79
N ASP C 291 -12.40 3.68 2.16
CA ASP C 291 -11.68 4.69 2.92
C ASP C 291 -12.57 5.38 3.97
N THR C 292 -13.89 5.44 3.75
CA THR C 292 -14.83 5.88 4.77
C THR C 292 -14.86 4.92 5.95
N SER C 293 -14.79 3.62 5.73
CA SER C 293 -14.75 2.65 6.82
C SER C 293 -13.45 2.75 7.63
N THR C 294 -12.29 2.88 6.97
CA THR C 294 -11.01 2.96 7.68
C THR C 294 -10.82 4.30 8.38
N LEU C 295 -11.40 5.38 7.84
CA LEU C 295 -11.49 6.64 8.57
C LEU C 295 -12.35 6.47 9.83
N SER C 296 -13.50 5.82 9.70
CA SER C 296 -14.44 5.66 10.81
C SER C 296 -13.85 4.87 11.98
N ASP C 297 -13.32 3.67 11.75
CA ASP C 297 -12.78 2.88 12.87
C ASP C 297 -11.45 3.42 13.40
N SER C 298 -10.62 4.06 12.57
CA SER C 298 -9.43 4.75 13.05
C SER C 298 -9.82 5.91 13.98
N LEU C 299 -10.74 6.79 13.57
CA LEU C 299 -11.22 7.89 14.41
C LEU C 299 -11.91 7.38 15.68
N SER C 300 -12.66 6.28 15.61
CA SER C 300 -13.25 5.63 16.78
C SER C 300 -12.21 5.27 17.83
N GLU C 301 -11.14 4.64 17.38
CA GLU C 301 -10.09 4.25 18.30
C GLU C 301 -9.45 5.45 18.93
N ASN C 302 -9.00 6.39 18.12
CA ASN C 302 -8.29 7.53 18.67
C ASN C 302 -9.16 8.37 19.56
N LEU C 303 -10.43 8.51 19.24
CA LEU C 303 -11.34 9.25 20.10
C LEU C 303 -11.37 8.60 21.46
N SER C 304 -11.58 7.29 21.47
CA SER C 304 -11.68 6.53 22.72
C SER C 304 -10.41 6.66 23.55
N LEU C 305 -9.25 6.38 22.94
CA LEU C 305 -7.99 6.40 23.66
C LEU C 305 -7.65 7.82 24.14
N PHE C 306 -7.90 8.84 23.33
CA PHE C 306 -7.72 10.22 23.75
C PHE C 306 -8.59 10.55 24.97
N LEU C 307 -9.88 10.24 24.92
CA LEU C 307 -10.80 10.61 25.98
C LEU C 307 -10.51 9.89 27.30
N TRP C 308 -10.15 8.61 27.22
CA TRP C 308 -9.73 7.82 28.38
C TRP C 308 -8.54 8.46 29.08
N TYR C 309 -7.46 8.73 28.35
CA TYR C 309 -6.25 9.26 28.96
C TYR C 309 -6.36 10.72 29.38
N LEU C 310 -7.18 11.53 28.70
CA LEU C 310 -7.43 12.89 29.17
C LEU C 310 -8.12 12.87 30.53
N VAL C 311 -9.14 12.03 30.72
CA VAL C 311 -9.83 11.92 32.00
C VAL C 311 -8.91 11.40 33.10
N ARG C 312 -8.13 10.35 32.81
CA ARG C 312 -7.12 9.84 33.74
C ARG C 312 -6.15 10.95 34.14
N GLY C 313 -5.60 11.68 33.17
CA GLY C 313 -4.67 12.77 33.45
C GLY C 313 -5.29 13.91 34.26
N LEU C 314 -6.55 14.30 34.02
CA LEU C 314 -7.21 15.32 34.85
C LEU C 314 -7.39 14.85 36.28
N CYS C 315 -7.79 13.60 36.51
CA CYS C 315 -7.90 13.09 37.87
C CYS C 315 -6.54 13.06 38.57
N LEU C 316 -5.48 12.60 37.91
CA LEU C 316 -4.14 12.64 38.46
C LEU C 316 -3.73 14.05 38.87
N LEU C 317 -3.95 15.06 38.02
CA LEU C 317 -3.65 16.44 38.38
C LEU C 317 -4.41 16.85 39.64
N GLY C 318 -5.68 16.50 39.75
CA GLY C 318 -6.50 16.85 40.91
C GLY C 318 -5.92 16.29 42.21
N ILE C 319 -5.67 14.99 42.27
CA ILE C 319 -5.20 14.34 43.49
C ILE C 319 -3.79 14.78 43.86
N MET C 320 -2.94 15.06 42.87
CA MET C 320 -1.65 15.69 43.13
C MET C 320 -1.82 17.11 43.70
N LEU C 321 -2.83 17.88 43.26
CA LEU C 321 -3.07 19.23 43.77
C LEU C 321 -3.63 19.22 45.20
N TRP C 322 -4.43 18.22 45.55
CA TRP C 322 -4.82 17.94 46.94
C TRP C 322 -3.61 17.52 47.79
N GLY C 323 -2.66 16.78 47.21
CA GLY C 323 -1.46 16.31 47.91
C GLY C 323 -0.58 17.45 48.41
N SER C 324 -0.04 18.28 47.51
CA SER C 324 0.80 19.43 47.89
C SER C 324 1.08 20.37 46.72
N VAL C 325 0.58 21.60 46.82
CA VAL C 325 0.65 22.58 45.74
C VAL C 325 2.09 22.89 45.30
N SER C 326 3.01 23.13 46.23
CA SER C 326 4.39 23.49 45.89
C SER C 326 5.17 22.34 45.24
N LEU C 327 4.86 21.10 45.61
CA LEU C 327 5.50 19.92 45.02
C LEU C 327 4.99 19.63 43.62
N THR C 328 3.74 20.00 43.30
CA THR C 328 3.19 19.82 41.95
C THR C 328 3.48 20.99 41.01
N MET C 329 3.60 22.23 41.51
CA MET C 329 3.99 23.39 40.69
C MET C 329 5.23 23.10 39.84
N VAL C 330 6.29 22.55 40.44
CA VAL C 330 7.53 22.23 39.74
C VAL C 330 7.37 21.13 38.69
N THR C 331 6.59 20.08 38.98
CA THR C 331 6.33 19.03 37.97
C THR C 331 5.37 19.47 36.88
N LEU C 332 4.61 20.56 37.07
CA LEU C 332 3.73 21.14 36.06
C LEU C 332 4.49 22.11 35.15
N ILE C 333 5.35 22.96 35.73
CA ILE C 333 6.24 23.88 34.99
C ILE C 333 7.30 23.14 34.15
N THR C 334 7.77 21.97 34.58
CA THR C 334 8.85 21.27 33.89
C THR C 334 8.39 20.47 32.64
N LEU C 335 7.11 20.14 32.48
CA LEU C 335 6.67 19.31 31.33
C LEU C 335 6.97 19.95 29.96
N PRO C 336 6.69 21.23 29.71
CA PRO C 336 7.03 21.80 28.41
C PRO C 336 8.53 21.75 28.12
N LEU C 337 9.39 21.87 29.14
CA LEU C 337 10.84 21.68 28.93
C LEU C 337 11.11 20.26 28.42
N LEU C 338 10.61 19.23 29.09
CA LEU C 338 10.93 17.86 28.70
C LEU C 338 10.19 17.36 27.46
N PHE C 339 9.07 17.98 27.07
CA PHE C 339 8.34 17.61 25.84
C PHE C 339 8.66 18.46 24.62
N LEU C 340 9.00 19.75 24.76
CA LEU C 340 9.30 20.60 23.61
C LEU C 340 10.79 20.69 23.28
N LEU C 341 11.70 20.62 24.25
CA LEU C 341 13.13 20.70 23.92
C LEU C 341 13.61 19.54 23.03
N PRO C 342 13.20 18.28 23.23
CA PRO C 342 13.48 17.23 22.25
C PRO C 342 12.90 17.54 20.87
N LYS C 343 11.71 18.12 20.79
CA LYS C 343 11.08 18.49 19.52
C LYS C 343 11.85 19.59 18.80
N LYS C 344 12.39 20.57 19.55
CA LYS C 344 13.31 21.59 19.02
C LYS C 344 14.61 20.96 18.53
N VAL C 345 15.18 20.02 19.28
CA VAL C 345 16.44 19.36 18.89
C VAL C 345 16.26 18.43 17.69
N GLY C 346 15.11 17.79 17.55
CA GLY C 346 14.83 16.87 16.43
C GLY C 346 14.87 17.51 15.06
N LYS C 347 14.65 18.83 14.91
CA LYS C 347 14.72 19.50 13.62
C LYS C 347 16.10 19.39 12.96
N TRP C 348 17.20 19.29 13.72
CA TRP C 348 18.52 19.06 13.13
C TRP C 348 18.59 17.68 12.49
N TYR C 349 18.18 16.63 13.13
CA TYR C 349 18.18 15.34 12.45
C TYR C 349 17.21 15.38 11.33
N GLN C 350 15.99 15.74 11.56
CA GLN C 350 15.03 15.69 10.46
C GLN C 350 15.62 16.29 9.18
N LEU C 351 16.36 17.39 9.29
CA LEU C 351 17.02 18.01 8.15
C LEU C 351 18.10 17.10 7.55
N LEU C 352 18.96 16.51 8.38
CA LEU C 352 19.98 15.59 7.88
C LEU C 352 19.37 14.34 7.26
N GLU C 353 18.33 13.76 7.84
CA GLU C 353 17.60 12.66 7.23
C GLU C 353 17.06 13.01 5.84
N VAL C 354 16.47 14.21 5.68
CA VAL C 354 16.00 14.65 4.36
C VAL C 354 17.16 14.72 3.37
N GLN C 355 18.27 15.38 3.71
CA GLN C 355 19.40 15.46 2.78
C GLN C 355 19.99 14.10 2.42
N VAL C 356 20.03 13.15 3.36
CA VAL C 356 20.45 11.78 3.10
C VAL C 356 19.49 11.10 2.13
N ARG C 357 18.18 11.17 2.39
CA ARG C 357 17.19 10.52 1.53
C ARG C 357 17.20 11.06 0.11
N GLU C 358 17.38 12.36 -0.07
CA GLU C 358 17.49 12.96 -1.40
C GLU C 358 18.74 12.47 -2.14
N SER C 359 19.89 12.42 -1.48
CA SER C 359 21.11 11.92 -2.12
C SER C 359 20.98 10.44 -2.49
N LEU C 360 20.29 9.65 -1.66
CA LEU C 360 20.02 8.26 -1.97
C LEU C 360 19.15 8.13 -3.23
N ALA C 361 18.06 8.89 -3.34
CA ALA C 361 17.22 8.90 -4.53
C ALA C 361 17.96 9.34 -5.80
N LYS C 362 18.90 10.29 -5.69
CA LYS C 362 19.81 10.64 -6.80
C LYS C 362 20.67 9.47 -7.23
N SER C 363 21.29 8.78 -6.27
CA SER C 363 22.17 7.64 -6.58
C SER C 363 21.39 6.52 -7.27
N SER C 364 20.17 6.22 -6.82
CA SER C 364 19.31 5.25 -7.48
C SER C 364 19.00 5.68 -8.92
N GLN C 365 18.68 6.95 -9.15
CA GLN C 365 18.41 7.44 -10.50
C GLN C 365 19.59 7.22 -11.45
N VAL C 366 20.84 7.38 -10.98
CA VAL C 366 22.05 7.04 -11.76
C VAL C 366 22.16 5.54 -12.05
N ALA C 367 21.87 4.67 -11.10
CA ALA C 367 21.87 3.24 -11.34
C ALA C 367 20.80 2.83 -12.36
N ILE C 368 19.59 3.37 -12.27
CA ILE C 368 18.51 3.00 -13.20
C ILE C 368 18.74 3.57 -14.60
N GLU C 369 19.34 4.75 -14.71
CA GLU C 369 19.83 5.24 -16.00
C GLU C 369 20.82 4.24 -16.61
N ALA C 370 21.81 3.77 -15.84
CA ALA C 370 22.78 2.81 -16.37
C ALA C 370 22.17 1.45 -16.69
N LEU C 371 21.22 0.96 -15.90
CA LEU C 371 20.59 -0.33 -16.15
C LEU C 371 19.67 -0.34 -17.37
N SER C 372 18.98 0.77 -17.66
CA SER C 372 18.03 0.84 -18.79
C SER C 372 18.71 0.62 -20.15
N ALA C 373 19.97 1.06 -20.29
CA ALA C 373 20.75 0.97 -21.54
C ALA C 373 21.63 -0.29 -21.65
N MET C 374 21.18 -1.43 -21.15
CA MET C 374 22.03 -2.61 -21.00
C MET C 374 22.74 -3.10 -22.29
N PRO C 375 22.13 -3.13 -23.47
CA PRO C 375 22.83 -3.56 -24.68
C PRO C 375 24.07 -2.72 -25.05
N THR C 376 24.00 -1.40 -24.91
CA THR C 376 25.16 -0.54 -25.20
C THR C 376 26.24 -0.64 -24.13
N VAL C 377 25.88 -0.69 -22.84
CA VAL C 377 26.87 -0.84 -21.77
C VAL C 377 27.63 -2.17 -21.85
N ARG C 378 26.95 -3.27 -22.23
CA ARG C 378 27.59 -4.57 -22.46
C ARG C 378 28.46 -4.56 -23.71
N SER C 379 28.01 -3.90 -24.78
CA SER C 379 28.80 -3.78 -26.01
C SER C 379 30.13 -3.11 -25.73
N PHE C 380 30.14 -1.98 -25.03
CA PHE C 380 31.35 -1.24 -24.68
C PHE C 380 32.09 -1.77 -23.43
N ALA C 381 31.58 -2.81 -22.77
CA ALA C 381 32.19 -3.44 -21.60
C ALA C 381 32.53 -2.48 -20.44
N ASN C 382 31.63 -1.54 -20.19
CA ASN C 382 31.83 -0.46 -19.24
C ASN C 382 31.39 -0.85 -17.81
N GLU C 383 31.02 -2.11 -17.54
CA GLU C 383 30.29 -2.44 -16.31
C GLU C 383 31.10 -2.20 -15.04
N GLU C 384 32.42 -2.38 -15.03
CA GLU C 384 33.23 -2.01 -13.87
C GLU C 384 33.34 -0.49 -13.72
N GLY C 385 33.24 0.26 -14.82
CA GLY C 385 33.09 1.71 -14.81
C GLY C 385 31.75 2.14 -14.23
N GLU C 386 30.67 1.41 -14.53
CA GLU C 386 29.37 1.65 -13.89
C GLU C 386 29.38 1.28 -12.41
N ALA C 387 30.00 0.17 -12.02
CA ALA C 387 30.16 -0.15 -10.61
C ALA C 387 30.85 0.99 -9.87
N GLN C 388 31.95 1.54 -10.40
CA GLN C 388 32.59 2.70 -9.76
C GLN C 388 31.72 3.97 -9.83
N LYS C 389 31.07 4.29 -10.97
CA LYS C 389 30.14 5.43 -11.06
C LYS C 389 29.09 5.37 -9.96
N PHE C 390 28.54 4.19 -9.68
CA PHE C 390 27.62 4.05 -8.58
C PHE C 390 28.40 4.22 -7.28
N ARG C 391 29.57 3.62 -7.17
CA ARG C 391 30.38 3.65 -5.96
C ARG C 391 30.65 5.08 -5.45
N GLU C 392 31.01 6.02 -6.33
CA GLU C 392 31.15 7.41 -5.90
C GLU C 392 29.90 8.09 -5.31
N LYS C 393 28.70 7.82 -5.85
CA LYS C 393 27.44 8.34 -5.28
C LYS C 393 27.05 7.67 -3.96
N LEU C 394 27.79 6.67 -3.49
CA LEU C 394 27.69 6.12 -2.14
C LEU C 394 28.72 6.75 -1.21
N GLN C 395 29.99 6.87 -1.62
CA GLN C 395 31.01 7.51 -0.80
C GLN C 395 30.67 8.98 -0.51
N GLU C 396 30.02 9.68 -1.44
CA GLU C 396 29.55 11.04 -1.18
C GLU C 396 28.41 11.09 -0.14
N ILE C 397 27.63 10.01 0.06
CA ILE C 397 26.61 9.95 1.10
C ILE C 397 27.21 9.66 2.46
N LYS C 398 28.28 8.86 2.59
CA LYS C 398 28.85 8.50 3.90
C LYS C 398 29.06 9.69 4.85
N THR C 399 29.53 10.81 4.36
CA THR C 399 29.84 11.97 5.21
C THR C 399 28.58 12.57 5.82
N LEU C 400 27.50 12.60 5.05
CA LEU C 400 26.23 13.06 5.58
C LEU C 400 25.67 11.96 6.46
N ASN C 401 25.98 10.72 6.12
CA ASN C 401 25.46 9.61 6.87
C ASN C 401 25.92 9.79 8.28
N GLN C 402 27.20 10.09 8.44
CA GLN C 402 27.75 10.22 9.77
C GLN C 402 27.13 11.34 10.56
N LYS C 403 26.98 12.51 9.93
CA LYS C 403 26.41 13.64 10.62
C LYS C 403 25.07 13.20 11.18
N GLU C 404 24.28 12.51 10.37
CA GLU C 404 22.95 12.11 10.82
C GLU C 404 23.02 11.23 12.06
N ALA C 405 23.95 10.27 12.07
CA ALA C 405 24.10 9.38 13.21
C ALA C 405 24.45 10.15 14.50
N VAL C 406 25.34 11.14 14.45
CA VAL C 406 25.68 11.91 15.65
C VAL C 406 24.54 12.84 16.07
N ALA C 407 23.76 13.38 15.13
CA ALA C 407 22.61 14.21 15.49
C ALA C 407 21.50 13.41 16.17
N TYR C 408 21.29 12.15 15.79
CA TYR C 408 20.37 11.28 16.52
C TYR C 408 20.91 10.96 17.91
N ALA C 409 22.21 10.73 18.06
CA ALA C 409 22.80 10.46 19.36
C ALA C 409 22.54 11.61 20.35
N VAL C 410 22.82 12.85 19.95
CA VAL C 410 22.52 14.02 20.79
C VAL C 410 21.04 14.15 21.09
N ASN C 411 20.15 13.84 20.14
CA ASN C 411 18.71 13.87 20.40
C ASN C 411 18.33 12.83 21.46
N SER C 412 18.82 11.61 21.35
CA SER C 412 18.55 10.57 22.34
C SER C 412 19.11 10.95 23.70
N TRP C 413 20.31 11.48 23.77
CA TRP C 413 20.87 11.92 25.05
C TRP C 413 20.00 12.99 25.70
N THR C 414 19.66 14.06 24.98
CA THR C 414 18.94 15.16 25.61
C THR C 414 17.53 14.77 26.04
N THR C 415 16.82 13.94 25.28
CA THR C 415 15.51 13.45 25.75
C THR C 415 15.64 12.50 26.93
N SER C 416 16.74 11.75 27.03
CA SER C 416 16.97 10.88 28.18
C SER C 416 17.23 11.71 29.43
N ILE C 417 18.20 12.62 29.42
CA ILE C 417 18.55 13.40 30.61
C ILE C 417 17.41 14.29 31.04
N SER C 418 16.74 14.98 30.12
CA SER C 418 15.69 15.90 30.49
C SER C 418 14.53 15.19 31.19
N GLY C 419 14.19 13.97 30.77
CA GLY C 419 13.15 13.17 31.43
C GLY C 419 13.63 12.53 32.72
N MET C 420 14.88 12.07 32.78
CA MET C 420 15.41 11.34 33.93
C MET C 420 15.77 12.24 35.11
N LEU C 421 16.18 13.47 34.88
CA LEU C 421 16.60 14.39 35.94
C LEU C 421 15.43 14.97 36.71
N LEU C 422 14.22 14.99 36.16
CA LEU C 422 13.03 15.43 36.90
C LEU C 422 12.81 14.60 38.17
N LYS C 423 13.09 13.29 38.14
CA LYS C 423 13.03 12.43 39.33
C LYS C 423 14.12 12.71 40.36
N VAL C 424 15.21 13.39 40.03
CA VAL C 424 16.09 13.98 41.03
C VAL C 424 15.38 15.17 41.67
N GLY C 425 14.92 16.11 40.85
CA GLY C 425 14.41 17.39 41.34
C GLY C 425 13.21 17.23 42.26
N ILE C 426 12.24 16.41 41.88
CA ILE C 426 11.08 16.19 42.71
C ILE C 426 11.43 15.54 44.04
N LEU C 427 12.36 14.59 44.05
CA LEU C 427 12.76 13.96 45.30
C LEU C 427 13.46 14.97 46.19
N TYR C 428 14.44 15.72 45.67
CA TYR C 428 15.17 16.69 46.47
C TYR C 428 14.22 17.73 47.09
N ILE C 429 13.36 18.36 46.29
CA ILE C 429 12.52 19.42 46.82
C ILE C 429 11.46 18.85 47.78
N GLY C 430 10.97 17.63 47.53
CA GLY C 430 10.13 16.92 48.48
C GLY C 430 10.85 16.68 49.81
N GLY C 431 12.09 16.21 49.76
CA GLY C 431 12.86 16.03 50.99
C GLY C 431 12.83 17.29 51.81
N GLN C 432 13.04 18.43 51.15
CA GLN C 432 13.04 19.70 51.85
C GLN C 432 11.67 19.93 52.48
N LEU C 433 10.62 19.60 51.74
CA LEU C 433 9.27 19.78 52.25
C LEU C 433 9.07 19.03 53.55
N VAL C 434 9.51 17.77 53.57
CA VAL C 434 9.33 16.95 54.77
C VAL C 434 10.21 17.42 55.92
N THR C 435 11.41 17.93 55.61
CA THR C 435 12.26 18.47 56.67
C THR C 435 11.57 19.68 57.29
N SER C 436 10.98 20.53 56.46
CA SER C 436 10.24 21.71 56.93
C SER C 436 8.94 21.36 57.69
N GLY C 437 8.51 20.10 57.66
CA GLY C 437 7.34 19.63 58.39
C GLY C 437 6.00 19.90 57.73
N ALA C 438 5.97 20.32 56.46
CA ALA C 438 4.74 20.57 55.73
C ALA C 438 3.94 19.29 55.41
N VAL C 439 4.64 18.17 55.19
CA VAL C 439 4.07 16.86 54.79
C VAL C 439 4.90 15.71 55.35
N SER C 440 4.33 14.52 55.45
CA SER C 440 5.03 13.31 55.93
C SER C 440 5.60 12.46 54.79
N SER C 441 6.39 11.43 55.13
CA SER C 441 6.95 10.50 54.15
C SER C 441 5.89 9.81 53.29
N GLY C 442 4.75 9.42 53.85
CA GLY C 442 3.70 8.75 53.08
C GLY C 442 3.14 9.63 51.98
N ASN C 443 2.94 10.92 52.24
CA ASN C 443 2.54 11.85 51.19
C ASN C 443 3.61 11.92 50.10
N LEU C 444 4.89 11.92 50.45
CA LEU C 444 5.95 11.93 49.44
C LEU C 444 5.99 10.62 48.64
N VAL C 445 5.72 9.48 49.27
CA VAL C 445 5.62 8.20 48.55
C VAL C 445 4.48 8.20 47.56
N THR C 446 3.29 8.64 47.96
CA THR C 446 2.18 8.79 47.00
C THR C 446 2.55 9.74 45.87
N PHE C 447 3.24 10.84 46.16
CA PHE C 447 3.60 11.79 45.13
C PHE C 447 4.58 11.20 44.12
N VAL C 448 5.62 10.50 44.58
CA VAL C 448 6.57 9.83 43.68
C VAL C 448 5.86 8.80 42.81
N LEU C 449 4.90 8.05 43.36
CA LEU C 449 4.12 7.10 42.56
C LEU C 449 3.24 7.80 41.52
N TYR C 450 2.55 8.88 41.88
CA TYR C 450 1.71 9.61 40.93
C TYR C 450 2.50 10.27 39.81
N GLN C 451 3.66 10.85 40.10
CA GLN C 451 4.41 11.62 39.11
C GLN C 451 4.69 10.80 37.86
N MET C 452 5.13 9.57 38.05
CA MET C 452 5.41 8.74 36.92
C MET C 452 4.11 8.53 36.17
N GLN C 453 3.03 8.32 36.89
CA GLN C 453 1.78 8.05 36.20
C GLN C 453 1.36 9.24 35.37
N PHE C 454 1.55 10.44 35.90
CA PHE C 454 1.12 11.63 35.19
C PHE C 454 1.96 11.79 33.96
N THR C 455 3.25 11.53 34.10
CA THR C 455 4.16 11.67 32.97
C THR C 455 3.82 10.69 31.86
N GLN C 456 3.49 9.43 32.16
CA GLN C 456 3.09 8.49 31.11
C GLN C 456 1.75 8.86 30.47
N ALA C 457 0.77 9.31 31.25
CA ALA C 457 -0.51 9.72 30.70
C ALA C 457 -0.34 10.90 29.73
N VAL C 458 0.34 11.96 30.14
CA VAL C 458 0.54 13.11 29.25
C VAL C 458 1.41 12.76 28.05
N GLU C 459 2.37 11.85 28.20
CA GLU C 459 3.22 11.40 27.09
C GLU C 459 2.42 10.64 26.03
N VAL C 460 1.49 9.77 26.43
CA VAL C 460 0.65 9.06 25.45
C VAL C 460 -0.29 10.02 24.74
N LEU C 461 -0.92 10.95 25.44
CA LEU C 461 -1.81 11.93 24.83
C LEU C 461 -1.12 12.76 23.73
N LEU C 462 0.17 13.09 23.90
CA LEU C 462 0.93 13.75 22.83
C LEU C 462 1.12 12.89 21.57
N SER C 463 1.13 11.56 21.68
CA SER C 463 1.24 10.68 20.50
C SER C 463 -0.07 10.58 19.72
N ILE C 464 -1.22 10.60 20.40
CA ILE C 464 -2.52 10.41 19.75
C ILE C 464 -2.94 11.64 18.94
N TYR C 465 -2.70 12.84 19.45
CA TYR C 465 -3.16 14.07 18.82
C TYR C 465 -2.77 14.23 17.33
N PRO C 466 -1.52 14.00 16.88
CA PRO C 466 -1.19 14.01 15.46
C PRO C 466 -2.02 13.05 14.62
N ARG C 467 -2.28 11.84 15.12
CA ARG C 467 -3.04 10.83 14.38
C ARG C 467 -4.48 11.28 14.18
N VAL C 468 -5.10 11.83 15.24
CA VAL C 468 -6.44 12.42 15.20
C VAL C 468 -6.48 13.55 14.19
N GLN C 469 -5.55 14.50 14.27
CA GLN C 469 -5.52 15.67 13.39
C GLN C 469 -5.42 15.29 11.90
N LYS C 470 -4.64 14.25 11.60
CA LYS C 470 -4.55 13.65 10.26
C LYS C 470 -5.86 13.02 9.80
N ALA C 471 -6.45 12.16 10.62
CA ALA C 471 -7.67 11.46 10.26
C ALA C 471 -8.86 12.41 10.08
N VAL C 472 -9.10 13.33 11.01
CA VAL C 472 -10.23 14.25 10.94
C VAL C 472 -10.15 15.17 9.72
N GLY C 473 -8.95 15.57 9.33
CA GLY C 473 -8.70 16.44 8.17
C GLY C 473 -9.04 15.81 6.81
N SER C 474 -9.17 14.49 6.72
CA SER C 474 -9.59 13.80 5.48
C SER C 474 -11.10 13.59 5.37
N SER C 475 -11.88 13.78 6.45
CA SER C 475 -13.33 13.53 6.43
C SER C 475 -14.11 14.53 5.55
N GLU C 476 -13.59 15.74 5.35
CA GLU C 476 -14.31 16.82 4.65
C GLU C 476 -14.67 16.42 3.22
N LYS C 477 -13.77 15.71 2.54
CA LYS C 477 -14.01 15.12 1.21
C LYS C 477 -15.27 14.27 1.18
N ILE C 478 -15.46 13.41 2.17
CA ILE C 478 -16.59 12.49 2.26
C ILE C 478 -17.87 13.27 2.56
N PHE C 479 -17.82 14.21 3.51
CA PHE C 479 -18.97 15.03 3.88
C PHE C 479 -19.46 15.87 2.70
N GLU C 480 -18.57 16.55 1.97
CA GLU C 480 -18.97 17.29 0.78
C GLU C 480 -19.42 16.38 -0.37
N TYR C 481 -18.85 15.18 -0.50
CA TYR C 481 -19.30 14.20 -1.49
C TYR C 481 -20.72 13.70 -1.21
N LEU C 482 -21.11 13.57 0.07
CA LEU C 482 -22.49 13.32 0.48
C LEU C 482 -23.39 14.54 0.22
N ASP C 483 -22.89 15.76 0.44
CA ASP C 483 -23.64 17.00 0.22
C ASP C 483 -23.87 17.33 -1.27
N ARG C 484 -22.93 16.93 -2.14
CA ARG C 484 -22.91 17.19 -3.59
C ARG C 484 -24.21 16.79 -4.29
N GLY C 492 -41.29 13.63 -9.57
CA GLY C 492 -42.71 13.75 -9.87
C GLY C 492 -43.60 13.11 -8.80
N LEU C 493 -44.93 13.21 -8.96
CA LEU C 493 -45.90 12.68 -8.01
C LEU C 493 -47.22 12.18 -8.61
N LEU C 494 -47.44 12.40 -9.91
CA LEU C 494 -48.71 12.02 -10.53
C LEU C 494 -48.83 10.53 -10.81
N THR C 495 -49.80 9.88 -10.16
CA THR C 495 -50.02 8.45 -10.40
C THR C 495 -51.43 8.24 -10.95
N PRO C 496 -51.56 7.49 -12.07
CA PRO C 496 -52.89 7.18 -12.60
C PRO C 496 -53.29 5.76 -12.30
N LEU C 497 -54.58 5.49 -12.21
CA LEU C 497 -55.01 4.10 -12.00
C LEU C 497 -55.05 3.24 -13.27
N HIS C 498 -54.90 3.86 -14.45
CA HIS C 498 -54.88 3.20 -15.75
C HIS C 498 -53.97 3.94 -16.74
N LEU C 499 -53.44 3.24 -17.74
CA LEU C 499 -52.53 3.80 -18.73
C LEU C 499 -53.24 4.09 -20.05
N GLU C 500 -53.14 5.34 -20.53
CA GLU C 500 -53.68 5.74 -21.83
C GLU C 500 -52.82 5.30 -23.02
N GLY C 501 -51.50 5.16 -22.83
CA GLY C 501 -50.55 4.65 -23.82
C GLY C 501 -50.17 5.59 -24.97
N LEU C 502 -50.81 6.75 -25.09
CA LEU C 502 -50.43 7.78 -26.07
C LEU C 502 -49.11 8.47 -25.69
N VAL C 503 -48.25 8.74 -26.67
CA VAL C 503 -47.00 9.48 -26.49
C VAL C 503 -46.65 10.31 -27.73
N GLN C 504 -45.94 11.43 -27.57
CA GLN C 504 -45.41 12.18 -28.70
C GLN C 504 -44.18 13.03 -28.33
N PHE C 505 -43.37 13.35 -29.34
CA PHE C 505 -42.14 14.12 -29.26
C PHE C 505 -42.06 15.20 -30.34
N GLN C 506 -41.55 16.38 -30.00
CA GLN C 506 -41.40 17.50 -30.93
C GLN C 506 -40.13 18.32 -30.64
N ASP C 507 -39.45 18.77 -31.70
CA ASP C 507 -38.17 19.48 -31.66
C ASP C 507 -37.06 18.83 -30.80
N VAL C 508 -37.10 17.51 -30.62
CA VAL C 508 -36.21 16.75 -29.74
C VAL C 508 -34.74 17.01 -30.04
N SER C 509 -34.04 17.51 -29.04
CA SER C 509 -32.59 17.67 -29.06
C SER C 509 -31.98 17.07 -27.80
N PHE C 510 -30.86 16.37 -27.95
CA PHE C 510 -30.19 15.67 -26.85
C PHE C 510 -28.66 15.72 -27.00
N ALA C 511 -27.96 15.81 -25.87
CA ALA C 511 -26.50 15.93 -25.78
C ALA C 511 -26.00 15.45 -24.41
N TYR C 512 -24.71 15.12 -24.29
CA TYR C 512 -24.05 14.88 -23.01
C TYR C 512 -23.88 16.20 -22.23
N PRO C 513 -24.31 16.31 -20.95
CA PRO C 513 -24.15 17.54 -20.16
C PRO C 513 -22.71 18.03 -20.01
N ASN C 514 -21.72 17.15 -20.12
CA ASN C 514 -20.29 17.47 -20.08
C ASN C 514 -19.70 17.94 -21.42
N ARG C 515 -20.47 17.92 -22.51
CA ARG C 515 -20.05 18.43 -23.81
C ARG C 515 -21.14 19.24 -24.54
N PRO C 516 -21.67 20.34 -23.95
CA PRO C 516 -22.79 21.10 -24.53
C PRO C 516 -22.53 21.69 -25.93
N ASP C 517 -21.28 21.76 -26.37
CA ASP C 517 -20.89 22.20 -27.71
C ASP C 517 -21.20 21.20 -28.84
N VAL C 518 -21.57 19.95 -28.53
CA VAL C 518 -21.96 18.94 -29.52
C VAL C 518 -23.19 18.14 -29.07
N LEU C 519 -24.09 17.85 -30.01
CA LEU C 519 -25.33 17.11 -29.74
C LEU C 519 -25.51 15.94 -30.71
N VAL C 520 -26.10 14.84 -30.24
CA VAL C 520 -26.30 13.62 -31.03
C VAL C 520 -27.50 13.70 -31.99
N LEU C 521 -28.48 14.54 -31.67
CA LEU C 521 -29.62 14.88 -32.52
C LEU C 521 -30.22 16.24 -32.12
N GLN C 522 -30.92 16.90 -33.05
CA GLN C 522 -31.68 18.11 -32.78
C GLN C 522 -32.90 18.25 -33.71
N GLY C 523 -33.96 18.91 -33.23
CA GLY C 523 -35.18 19.17 -34.01
C GLY C 523 -36.00 17.93 -34.41
N LEU C 524 -35.73 16.75 -33.84
CA LEU C 524 -36.46 15.53 -34.14
C LEU C 524 -37.93 15.60 -33.73
N THR C 525 -38.79 14.80 -34.34
CA THR C 525 -40.18 14.67 -33.89
C THR C 525 -40.66 13.23 -34.11
N PHE C 526 -41.62 12.79 -33.30
CA PHE C 526 -42.16 11.44 -33.34
C PHE C 526 -43.52 11.37 -32.63
N THR C 527 -44.28 10.30 -32.86
CA THR C 527 -45.51 10.02 -32.11
C THR C 527 -45.76 8.52 -31.97
N LEU C 528 -46.46 8.14 -30.92
CA LEU C 528 -46.79 6.75 -30.58
C LEU C 528 -48.25 6.63 -30.12
N ARG C 529 -48.91 5.57 -30.57
CA ARG C 529 -50.30 5.26 -30.24
C ARG C 529 -50.47 3.79 -29.84
N PRO C 530 -51.40 3.47 -28.91
CA PRO C 530 -51.68 2.09 -28.51
C PRO C 530 -52.01 1.16 -29.68
N GLY C 531 -51.60 -0.10 -29.59
CA GLY C 531 -51.83 -1.12 -30.62
C GLY C 531 -50.94 -1.03 -31.85
N GLU C 532 -49.89 -0.21 -31.81
CA GLU C 532 -48.97 0.05 -32.90
C GLU C 532 -47.52 0.11 -32.41
N VAL C 533 -46.58 -0.02 -33.35
CA VAL C 533 -45.15 0.09 -33.10
C VAL C 533 -44.41 0.68 -34.29
N THR C 534 -43.26 1.29 -34.04
CA THR C 534 -42.43 1.98 -35.03
C THR C 534 -40.94 1.88 -34.73
N ALA C 535 -40.09 2.04 -35.74
CA ALA C 535 -38.64 1.95 -35.60
C ALA C 535 -37.95 3.32 -35.34
N LEU C 536 -38.00 4.25 -36.29
CA LEU C 536 -37.07 5.40 -36.34
C LEU C 536 -35.59 4.99 -36.50
N VAL C 537 -35.33 3.74 -36.89
CA VAL C 537 -34.00 3.17 -37.04
C VAL C 537 -33.18 3.75 -38.20
N GLY C 538 -31.87 3.50 -38.18
CA GLY C 538 -30.89 4.02 -39.15
C GLY C 538 -29.49 4.15 -38.54
N PRO C 539 -28.52 4.77 -39.25
CA PRO C 539 -27.12 4.90 -38.81
C PRO C 539 -26.91 6.01 -37.76
N ASN C 540 -27.86 6.20 -36.83
CA ASN C 540 -27.89 7.32 -35.88
C ASN C 540 -26.85 7.27 -34.74
N GLY C 541 -26.20 6.13 -34.51
CA GLY C 541 -25.19 5.99 -33.45
C GLY C 541 -25.76 6.23 -32.05
N SER C 542 -25.03 6.98 -31.22
CA SER C 542 -25.47 7.30 -29.85
C SER C 542 -26.74 8.16 -29.79
N GLY C 543 -27.14 8.82 -30.88
CA GLY C 543 -28.37 9.63 -30.95
C GLY C 543 -29.66 8.81 -30.80
N LYS C 544 -29.68 7.57 -31.28
CA LYS C 544 -30.77 6.63 -31.03
C LYS C 544 -30.85 6.24 -29.54
N SER C 545 -29.70 5.92 -28.93
CA SER C 545 -29.62 5.60 -27.50
C SER C 545 -30.03 6.77 -26.60
N THR C 546 -29.63 8.01 -26.94
CA THR C 546 -30.05 9.21 -26.22
C THR C 546 -31.55 9.51 -26.36
N VAL C 547 -32.13 9.23 -27.53
CA VAL C 547 -33.58 9.28 -27.73
C VAL C 547 -34.31 8.24 -26.86
N ALA C 548 -33.80 7.01 -26.80
CA ALA C 548 -34.34 5.97 -25.92
C ALA C 548 -34.20 6.35 -24.44
N ALA C 549 -33.07 6.94 -24.03
CA ALA C 549 -32.88 7.45 -22.68
C ALA C 549 -33.85 8.60 -22.35
N LEU C 550 -34.23 9.40 -23.33
CA LEU C 550 -35.29 10.40 -23.17
C LEU C 550 -36.66 9.78 -22.97
N LEU C 551 -37.02 8.75 -23.74
CA LEU C 551 -38.26 8.00 -23.56
C LEU C 551 -38.33 7.30 -22.19
N GLN C 552 -37.21 6.75 -21.71
CA GLN C 552 -37.07 6.18 -20.38
C GLN C 552 -36.85 7.20 -19.25
N ASN C 553 -36.80 8.51 -19.57
CA ASN C 553 -36.53 9.60 -18.64
C ASN C 553 -35.21 9.48 -17.84
N LEU C 554 -34.18 8.81 -18.38
CA LEU C 554 -32.87 8.65 -17.73
C LEU C 554 -32.02 9.92 -17.71
N TYR C 555 -32.35 10.90 -18.56
CA TYR C 555 -31.81 12.25 -18.53
C TYR C 555 -32.86 13.24 -19.07
N GLN C 556 -32.81 14.51 -18.64
CA GLN C 556 -33.72 15.53 -19.16
C GLN C 556 -33.39 15.91 -20.62
N PRO C 557 -34.38 16.25 -21.46
CA PRO C 557 -34.14 16.69 -22.84
C PRO C 557 -33.25 17.95 -22.90
N THR C 558 -32.24 17.95 -23.77
CA THR C 558 -31.37 19.10 -23.98
C THR C 558 -32.02 20.22 -24.82
N GLY C 559 -33.07 19.90 -25.56
CA GLY C 559 -33.85 20.84 -26.37
C GLY C 559 -35.22 20.29 -26.76
N GLY C 560 -36.18 21.18 -26.98
CA GLY C 560 -37.59 20.86 -27.24
C GLY C 560 -38.38 20.42 -26.01
N GLN C 561 -39.60 19.95 -26.23
CA GLN C 561 -40.51 19.45 -25.19
C GLN C 561 -41.41 18.32 -25.71
N LEU C 562 -41.87 17.47 -24.80
CA LEU C 562 -42.71 16.30 -25.11
C LEU C 562 -43.63 15.93 -23.94
N LEU C 563 -44.70 15.19 -24.23
CA LEU C 563 -45.68 14.73 -23.24
C LEU C 563 -46.34 13.41 -23.67
N LEU C 564 -46.91 12.69 -22.70
CA LEU C 564 -47.57 11.40 -22.92
C LEU C 564 -48.82 11.26 -22.03
N ASP C 565 -49.86 10.62 -22.54
CA ASP C 565 -51.16 10.47 -21.87
C ASP C 565 -51.76 11.79 -21.32
N GLY C 566 -51.46 12.92 -21.96
CA GLY C 566 -51.91 14.25 -21.53
C GLY C 566 -51.15 14.84 -20.32
N LYS C 567 -49.98 14.30 -19.97
CA LYS C 567 -49.13 14.78 -18.89
C LYS C 567 -47.65 14.96 -19.31
N PRO C 568 -46.90 15.88 -18.68
CA PRO C 568 -45.45 15.95 -18.81
C PRO C 568 -44.77 14.66 -18.35
N LEU C 569 -43.68 14.26 -19.02
CA LEU C 569 -42.93 13.04 -18.65
C LEU C 569 -42.39 13.05 -17.21
N PRO C 570 -41.70 14.11 -16.73
CA PRO C 570 -41.24 14.21 -15.35
C PRO C 570 -42.34 14.44 -14.30
N GLN C 571 -43.59 14.70 -14.69
CA GLN C 571 -44.68 15.00 -13.76
C GLN C 571 -45.19 13.79 -12.99
N TYR C 572 -45.20 12.61 -13.62
CA TYR C 572 -45.59 11.36 -12.98
C TYR C 572 -44.55 10.86 -11.97
N GLU C 573 -45.00 10.19 -10.90
CA GLU C 573 -44.14 9.63 -9.87
C GLU C 573 -43.24 8.49 -10.38
N HIS C 574 -42.00 8.42 -9.92
CA HIS C 574 -41.01 7.46 -10.41
C HIS C 574 -41.42 5.98 -10.21
N ARG C 575 -42.14 5.66 -9.14
CA ARG C 575 -42.65 4.32 -8.88
C ARG C 575 -43.70 3.87 -9.90
N TYR C 576 -44.63 4.77 -10.25
CA TYR C 576 -45.62 4.50 -11.29
C TYR C 576 -44.98 4.49 -12.69
N LEU C 577 -44.06 5.40 -12.98
CA LEU C 577 -43.39 5.49 -14.28
C LEU C 577 -42.59 4.24 -14.63
N HIS C 578 -41.73 3.76 -13.71
CA HIS C 578 -40.91 2.57 -13.91
C HIS C 578 -41.73 1.28 -14.08
N ARG C 579 -42.89 1.17 -13.43
CA ARG C 579 -43.82 0.06 -13.64
C ARG C 579 -44.66 0.22 -14.92
N GLN C 580 -44.95 1.45 -15.35
CA GLN C 580 -45.77 1.74 -16.54
C GLN C 580 -45.03 1.62 -17.87
N VAL C 581 -43.73 1.90 -17.92
CA VAL C 581 -42.90 1.73 -19.13
C VAL C 581 -41.54 1.14 -18.79
N ALA C 582 -41.00 0.28 -19.66
CA ALA C 582 -39.69 -0.36 -19.47
C ALA C 582 -38.96 -0.57 -20.80
N ALA C 583 -37.64 -0.73 -20.77
CA ALA C 583 -36.86 -1.02 -21.97
C ALA C 583 -35.75 -2.02 -21.65
N VAL C 584 -35.49 -2.95 -22.56
CA VAL C 584 -34.27 -3.75 -22.56
C VAL C 584 -33.11 -2.88 -23.03
N GLY C 585 -31.98 -2.90 -22.32
CA GLY C 585 -30.80 -2.11 -22.66
C GLY C 585 -30.13 -2.53 -23.97
N GLN C 586 -29.07 -1.83 -24.38
CA GLN C 586 -28.19 -2.29 -25.44
C GLN C 586 -26.96 -3.06 -24.96
N GLU C 587 -26.69 -3.02 -23.65
CA GLU C 587 -25.78 -3.96 -22.97
C GLU C 587 -26.48 -4.65 -21.78
N PRO C 588 -27.61 -5.35 -21.97
CA PRO C 588 -28.35 -5.97 -20.87
C PRO C 588 -27.52 -6.99 -20.10
N GLN C 589 -27.75 -7.04 -18.79
CA GLN C 589 -27.14 -8.03 -17.90
C GLN C 589 -28.03 -8.32 -16.70
N VAL C 590 -27.86 -9.49 -16.09
CA VAL C 590 -28.52 -9.87 -14.84
C VAL C 590 -27.50 -9.97 -13.71
N PHE C 591 -27.75 -9.29 -12.59
CA PHE C 591 -26.88 -9.38 -11.41
C PHE C 591 -26.85 -10.79 -10.81
N GLY C 592 -25.74 -11.15 -10.16
CA GLY C 592 -25.55 -12.48 -9.57
C GLY C 592 -26.51 -12.78 -8.43
N ARG C 593 -27.52 -13.62 -8.69
CA ARG C 593 -28.55 -14.05 -7.75
C ARG C 593 -29.34 -15.24 -8.32
N SER C 594 -30.40 -15.67 -7.63
CA SER C 594 -31.33 -16.68 -8.14
C SER C 594 -32.08 -16.20 -9.39
N LEU C 595 -32.45 -17.12 -10.29
CA LEU C 595 -33.22 -16.80 -11.50
C LEU C 595 -34.55 -16.11 -11.20
N GLN C 596 -35.25 -16.55 -10.16
CA GLN C 596 -36.47 -15.91 -9.66
C GLN C 596 -36.23 -14.49 -9.11
N GLU C 597 -35.01 -14.16 -8.69
CA GLU C 597 -34.61 -12.80 -8.33
C GLU C 597 -34.24 -11.95 -9.55
N ASN C 598 -33.41 -12.46 -10.46
CA ASN C 598 -33.02 -11.72 -11.66
C ASN C 598 -34.21 -11.42 -12.57
N ILE C 599 -35.15 -12.35 -12.74
CA ILE C 599 -36.35 -12.18 -13.57
C ILE C 599 -37.42 -11.25 -13.00
N ALA C 600 -37.24 -10.72 -11.78
CA ALA C 600 -38.19 -9.80 -11.15
C ALA C 600 -37.53 -8.69 -10.30
N TYR C 601 -36.26 -8.36 -10.58
CA TYR C 601 -35.55 -7.31 -9.86
C TYR C 601 -36.27 -5.97 -9.95
N GLY C 602 -36.32 -5.23 -8.85
CA GLY C 602 -37.01 -3.94 -8.77
C GLY C 602 -38.53 -3.99 -8.60
N LEU C 603 -39.17 -5.16 -8.58
CA LEU C 603 -40.61 -5.26 -8.32
C LEU C 603 -40.98 -4.75 -6.93
N THR C 604 -42.00 -3.90 -6.83
CA THR C 604 -42.48 -3.32 -5.57
C THR C 604 -43.27 -4.30 -4.67
N GLN C 605 -43.61 -5.47 -5.19
CA GLN C 605 -44.31 -6.55 -4.49
C GLN C 605 -43.80 -7.90 -4.98
N LYS C 606 -43.87 -8.94 -4.15
CA LYS C 606 -43.42 -10.28 -4.53
C LYS C 606 -44.25 -10.85 -5.69
N PRO C 607 -43.66 -11.12 -6.87
CA PRO C 607 -44.34 -11.75 -7.99
C PRO C 607 -44.81 -13.17 -7.64
N THR C 608 -45.93 -13.63 -8.20
CA THR C 608 -46.38 -15.02 -8.08
C THR C 608 -45.47 -15.99 -8.85
N MET C 609 -45.22 -17.18 -8.32
CA MET C 609 -44.40 -18.21 -8.99
C MET C 609 -45.00 -18.67 -10.32
N GLU C 610 -46.34 -18.78 -10.38
CA GLU C 610 -47.07 -19.03 -11.61
C GLU C 610 -46.93 -17.88 -12.62
N GLU C 611 -46.95 -16.63 -12.14
CA GLU C 611 -46.69 -15.44 -12.95
C GLU C 611 -45.26 -15.42 -13.53
N ILE C 612 -44.24 -15.77 -12.75
CA ILE C 612 -42.87 -15.89 -13.22
C ILE C 612 -42.71 -16.97 -14.30
N THR C 613 -43.38 -18.12 -14.11
CA THR C 613 -43.42 -19.18 -15.13
C THR C 613 -44.13 -18.72 -16.40
N ALA C 614 -45.25 -18.00 -16.30
CA ALA C 614 -45.95 -17.44 -17.45
C ALA C 614 -45.09 -16.40 -18.21
N ALA C 615 -44.38 -15.53 -17.50
CA ALA C 615 -43.46 -14.57 -18.12
C ALA C 615 -42.29 -15.26 -18.85
N ALA C 616 -41.71 -16.32 -18.25
CA ALA C 616 -40.69 -17.12 -18.91
C ALA C 616 -41.19 -17.84 -20.17
N VAL C 617 -42.43 -18.33 -20.16
CA VAL C 617 -43.09 -18.92 -21.32
C VAL C 617 -43.35 -17.89 -22.43
N LYS C 618 -43.87 -16.71 -22.08
CA LYS C 618 -44.13 -15.61 -23.03
C LYS C 618 -42.86 -15.01 -23.64
N SER C 619 -41.76 -14.95 -22.88
CA SER C 619 -40.45 -14.54 -23.38
C SER C 619 -39.73 -15.62 -24.20
N GLY C 620 -40.24 -16.85 -24.24
CA GLY C 620 -39.62 -17.99 -24.93
C GLY C 620 -38.38 -18.57 -24.22
N ALA C 621 -37.82 -17.90 -23.22
CA ALA C 621 -36.64 -18.35 -22.50
C ALA C 621 -36.90 -19.55 -21.56
N HIS C 622 -38.16 -19.92 -21.31
CA HIS C 622 -38.55 -21.06 -20.46
C HIS C 622 -37.91 -22.40 -20.86
N SER C 623 -37.57 -22.61 -22.14
CA SER C 623 -36.82 -23.79 -22.58
C SER C 623 -35.37 -23.82 -22.07
N PHE C 624 -34.72 -22.66 -21.95
CA PHE C 624 -33.40 -22.56 -21.31
C PHE C 624 -33.51 -22.60 -19.77
N ILE C 625 -34.53 -21.97 -19.19
CA ILE C 625 -34.78 -21.99 -17.75
C ILE C 625 -35.07 -23.41 -17.21
N SER C 626 -35.88 -24.19 -17.93
CA SER C 626 -36.15 -25.60 -17.58
C SER C 626 -34.92 -26.52 -17.71
N GLY C 627 -33.89 -26.10 -18.44
CA GLY C 627 -32.60 -26.81 -18.54
C GLY C 627 -31.64 -26.57 -17.36
N LEU C 628 -32.01 -25.65 -16.47
CA LEU C 628 -31.17 -25.38 -15.30
C LEU C 628 -31.29 -26.50 -14.27
N PRO C 629 -30.35 -26.55 -13.32
CA PRO C 629 -30.37 -27.61 -12.31
C PRO C 629 -31.48 -27.40 -11.29
N GLN C 630 -31.86 -26.15 -11.05
CA GLN C 630 -32.93 -25.84 -10.09
C GLN C 630 -34.10 -25.06 -10.68
N GLY C 631 -34.24 -25.02 -12.01
CA GLY C 631 -35.27 -24.24 -12.70
C GLY C 631 -35.26 -22.76 -12.32
N TYR C 632 -36.42 -22.22 -11.95
CA TYR C 632 -36.55 -20.84 -11.46
C TYR C 632 -35.73 -20.54 -10.19
N ASP C 633 -35.38 -21.53 -9.39
CA ASP C 633 -34.52 -21.36 -8.21
C ASP C 633 -33.02 -21.35 -8.52
N THR C 634 -32.59 -21.67 -9.75
CA THR C 634 -31.17 -21.76 -10.11
C THR C 634 -30.47 -20.41 -10.09
N GLU C 635 -29.35 -20.30 -9.37
CA GLU C 635 -28.57 -19.07 -9.31
C GLU C 635 -27.56 -18.96 -10.46
N VAL C 636 -27.42 -17.77 -11.02
CA VAL C 636 -26.40 -17.46 -12.01
C VAL C 636 -25.12 -16.95 -11.36
N ASP C 637 -23.97 -17.18 -12.00
CA ASP C 637 -22.69 -16.63 -11.57
C ASP C 637 -22.60 -15.11 -11.75
N GLU C 638 -21.60 -14.50 -11.10
CA GLU C 638 -21.34 -13.06 -11.18
C GLU C 638 -21.22 -12.53 -12.60
N ALA C 639 -21.76 -11.33 -12.85
CA ALA C 639 -21.81 -10.69 -14.18
C ALA C 639 -22.44 -11.52 -15.31
N GLY C 640 -23.22 -12.56 -14.97
CA GLY C 640 -23.85 -13.46 -15.95
C GLY C 640 -22.93 -14.56 -16.51
N SER C 641 -21.75 -14.79 -15.92
CA SER C 641 -20.75 -15.74 -16.43
C SER C 641 -21.21 -17.21 -16.52
N GLN C 642 -22.33 -17.58 -15.90
CA GLN C 642 -22.93 -18.91 -16.01
C GLN C 642 -23.81 -19.14 -17.26
N LEU C 643 -23.92 -18.17 -18.17
CA LEU C 643 -24.71 -18.27 -19.39
C LEU C 643 -24.06 -17.60 -20.61
N SER C 644 -24.47 -18.02 -21.81
CA SER C 644 -24.07 -17.40 -23.07
C SER C 644 -24.77 -16.05 -23.29
N GLY C 645 -24.24 -15.22 -24.19
CA GLY C 645 -24.81 -13.90 -24.52
C GLY C 645 -26.25 -13.95 -25.04
N GLY C 646 -26.60 -15.00 -25.80
CA GLY C 646 -27.97 -15.23 -26.26
C GLY C 646 -28.91 -15.66 -25.13
N GLN C 647 -28.43 -16.50 -24.20
CA GLN C 647 -29.14 -16.86 -22.98
C GLN C 647 -29.38 -15.66 -22.06
N ARG C 648 -28.37 -14.78 -21.92
CA ARG C 648 -28.48 -13.53 -21.17
C ARG C 648 -29.50 -12.57 -21.80
N GLN C 649 -29.49 -12.43 -23.13
CA GLN C 649 -30.48 -11.62 -23.85
C GLN C 649 -31.91 -12.16 -23.69
N ALA C 650 -32.09 -13.48 -23.77
CA ALA C 650 -33.38 -14.11 -23.52
C ALA C 650 -33.87 -13.88 -22.09
N VAL C 651 -33.00 -14.03 -21.09
CA VAL C 651 -33.32 -13.77 -19.68
C VAL C 651 -33.68 -12.31 -19.41
N ALA C 652 -32.94 -11.36 -19.98
CA ALA C 652 -33.22 -9.93 -19.82
C ALA C 652 -34.57 -9.53 -20.46
N LEU C 653 -34.88 -10.04 -21.66
CA LEU C 653 -36.15 -9.76 -22.34
C LEU C 653 -37.38 -10.19 -21.54
N ALA C 654 -37.24 -11.20 -20.67
CA ALA C 654 -38.33 -11.64 -19.81
C ALA C 654 -38.68 -10.63 -18.72
N ARG C 655 -37.73 -9.80 -18.25
CA ARG C 655 -37.98 -8.89 -17.14
C ARG C 655 -39.07 -7.85 -17.47
N ALA C 656 -39.01 -7.24 -18.65
CA ALA C 656 -40.06 -6.34 -19.11
C ALA C 656 -41.40 -7.09 -19.22
N LEU C 657 -41.45 -8.27 -19.83
CA LEU C 657 -42.71 -9.01 -19.92
C LEU C 657 -43.31 -9.35 -18.54
N ILE C 658 -42.48 -9.68 -17.55
CA ILE C 658 -42.92 -9.90 -16.16
C ILE C 658 -43.45 -8.62 -15.50
N ARG C 659 -42.96 -7.46 -15.94
CA ARG C 659 -43.45 -6.20 -15.40
C ARG C 659 -44.67 -5.74 -16.19
N LYS C 660 -44.79 -6.18 -17.43
CA LYS C 660 -45.96 -5.83 -18.25
C LYS C 660 -46.22 -4.33 -18.45
N PRO C 661 -45.16 -3.52 -18.66
CA PRO C 661 -45.35 -2.08 -18.94
C PRO C 661 -46.03 -1.78 -20.29
N CYS C 662 -46.85 -0.75 -20.34
CA CYS C 662 -47.55 -0.38 -21.57
C CYS C 662 -46.60 -0.01 -22.70
N VAL C 663 -45.54 0.73 -22.39
CA VAL C 663 -44.53 1.10 -23.39
C VAL C 663 -43.27 0.26 -23.25
N LEU C 664 -42.82 -0.38 -24.34
CA LEU C 664 -41.62 -1.23 -24.38
C LEU C 664 -40.58 -0.77 -25.40
N ILE C 665 -39.31 -1.10 -25.16
CA ILE C 665 -38.22 -0.87 -26.11
C ILE C 665 -37.11 -1.91 -26.00
N LEU C 666 -36.37 -2.15 -27.09
CA LEU C 666 -35.34 -3.18 -27.08
C LEU C 666 -34.44 -3.06 -28.29
N ASP C 667 -33.14 -2.88 -28.06
CA ASP C 667 -32.20 -2.71 -29.17
C ASP C 667 -30.87 -3.42 -28.94
N ASP C 668 -30.17 -3.74 -30.03
CA ASP C 668 -28.82 -4.32 -29.92
C ASP C 668 -28.75 -5.80 -29.56
N ALA C 669 -29.88 -6.50 -29.62
CA ALA C 669 -29.91 -7.92 -29.24
C ALA C 669 -30.28 -8.84 -30.39
N THR C 670 -31.40 -8.57 -31.06
CA THR C 670 -31.88 -9.46 -32.13
C THR C 670 -31.08 -9.43 -33.43
N SER C 671 -30.22 -8.43 -33.62
CA SER C 671 -29.26 -8.39 -34.73
C SER C 671 -27.98 -9.20 -34.46
N ALA C 672 -27.56 -9.30 -33.20
CA ALA C 672 -26.41 -10.11 -32.78
C ALA C 672 -26.80 -11.59 -32.53
N LEU C 673 -27.96 -11.83 -31.91
CA LEU C 673 -28.51 -13.17 -31.73
C LEU C 673 -29.13 -13.75 -33.01
N ASP C 674 -29.34 -15.07 -33.03
CA ASP C 674 -30.00 -15.74 -34.14
C ASP C 674 -31.50 -15.38 -34.23
N ALA C 675 -32.07 -15.48 -35.43
CA ALA C 675 -33.50 -15.28 -35.65
C ALA C 675 -34.38 -16.31 -34.90
N ASN C 676 -33.85 -17.49 -34.59
CA ASN C 676 -34.51 -18.48 -33.73
C ASN C 676 -34.66 -18.00 -32.29
N SER C 677 -33.68 -17.27 -31.75
CA SER C 677 -33.78 -16.60 -30.45
C SER C 677 -34.72 -15.39 -30.49
N GLN C 678 -34.71 -14.64 -31.59
CA GLN C 678 -35.62 -13.50 -31.81
C GLN C 678 -37.04 -13.86 -32.25
N LEU C 679 -37.35 -15.15 -32.46
CA LEU C 679 -38.66 -15.61 -32.95
C LEU C 679 -39.82 -15.25 -32.01
N GLN C 680 -39.59 -15.29 -30.70
CA GLN C 680 -40.56 -14.83 -29.70
C GLN C 680 -40.81 -13.32 -29.78
N VAL C 681 -39.76 -12.53 -29.98
CA VAL C 681 -39.86 -11.08 -30.21
C VAL C 681 -40.58 -10.76 -31.52
N GLU C 682 -40.33 -11.53 -32.58
CA GLU C 682 -41.05 -11.43 -33.85
C GLU C 682 -42.54 -11.76 -33.70
N GLN C 683 -42.90 -12.80 -32.95
CA GLN C 683 -44.30 -13.10 -32.62
C GLN C 683 -44.96 -11.99 -31.79
N LEU C 684 -44.25 -11.43 -30.81
CA LEU C 684 -44.70 -10.29 -30.03
C LEU C 684 -44.97 -9.05 -30.90
N LEU C 685 -44.07 -8.74 -31.82
CA LEU C 685 -44.20 -7.62 -32.74
C LEU C 685 -45.26 -7.84 -33.84
N TYR C 686 -45.48 -9.09 -34.27
CA TYR C 686 -46.35 -9.41 -35.40
C TYR C 686 -47.82 -9.69 -35.03
N GLU C 687 -48.09 -10.46 -33.98
CA GLU C 687 -49.44 -11.00 -33.74
C GLU C 687 -49.82 -11.25 -32.27
N SER C 688 -48.96 -10.98 -31.29
CA SER C 688 -49.25 -11.25 -29.88
C SER C 688 -50.50 -10.51 -29.37
N PRO C 689 -51.55 -11.20 -28.87
CA PRO C 689 -52.75 -10.56 -28.33
C PRO C 689 -52.46 -9.59 -27.18
N GLU C 690 -51.45 -9.89 -26.35
CA GLU C 690 -51.01 -9.01 -25.27
C GLU C 690 -50.38 -7.70 -25.77
N ARG C 691 -49.59 -7.76 -26.85
CA ARG C 691 -48.97 -6.59 -27.46
C ARG C 691 -50.00 -5.63 -28.10
N TYR C 692 -51.13 -6.15 -28.59
CA TYR C 692 -52.24 -5.34 -29.10
C TYR C 692 -52.85 -4.39 -28.05
N SER C 693 -52.76 -4.73 -26.76
CA SER C 693 -53.20 -3.89 -25.64
C SER C 693 -52.14 -2.89 -25.15
N ARG C 694 -50.97 -2.84 -25.77
CA ARG C 694 -49.85 -1.97 -25.39
C ARG C 694 -49.21 -1.31 -26.62
N SER C 695 -48.00 -0.77 -26.48
CA SER C 695 -47.22 -0.22 -27.59
C SER C 695 -45.72 -0.40 -27.38
N VAL C 696 -44.92 -0.35 -28.45
CA VAL C 696 -43.47 -0.49 -28.38
C VAL C 696 -42.71 0.31 -29.45
N LEU C 697 -41.47 0.67 -29.16
CA LEU C 697 -40.53 1.33 -30.08
C LEU C 697 -39.32 0.43 -30.36
N LEU C 698 -38.95 0.26 -31.62
CA LEU C 698 -37.86 -0.62 -32.04
C LEU C 698 -36.58 0.16 -32.35
N ILE C 699 -35.46 -0.30 -31.81
CA ILE C 699 -34.13 0.21 -32.10
C ILE C 699 -33.13 -0.89 -32.47
N THR C 700 -33.58 -2.14 -32.59
CA THR C 700 -32.74 -3.26 -33.01
C THR C 700 -32.29 -3.16 -34.47
N GLN C 701 -31.04 -3.55 -34.76
CA GLN C 701 -30.47 -3.50 -36.11
C GLN C 701 -30.84 -4.68 -37.02
N HIS C 702 -31.66 -5.64 -36.56
CA HIS C 702 -32.10 -6.77 -37.36
C HIS C 702 -33.07 -6.34 -38.48
N LEU C 703 -32.72 -6.63 -39.73
CA LEU C 703 -33.51 -6.24 -40.90
C LEU C 703 -34.89 -6.90 -40.96
N SER C 704 -35.04 -8.12 -40.44
CA SER C 704 -36.29 -8.87 -40.46
C SER C 704 -37.40 -8.19 -39.66
N LEU C 705 -37.06 -7.57 -38.52
CA LEU C 705 -37.98 -6.75 -37.74
C LEU C 705 -38.35 -5.45 -38.47
N VAL C 706 -37.39 -4.81 -39.15
CA VAL C 706 -37.61 -3.58 -39.91
C VAL C 706 -38.63 -3.71 -41.04
N GLU C 707 -38.75 -4.88 -41.68
CA GLU C 707 -39.74 -5.14 -42.72
C GLU C 707 -41.18 -5.23 -42.20
N GLN C 708 -41.37 -5.68 -40.96
CA GLN C 708 -42.70 -5.90 -40.35
C GLN C 708 -43.27 -4.68 -39.61
N ALA C 709 -42.52 -3.59 -39.45
CA ALA C 709 -42.88 -2.45 -38.61
C ALA C 709 -44.13 -1.69 -39.12
N ASP C 710 -44.99 -1.24 -38.19
CA ASP C 710 -46.24 -0.55 -38.52
C ASP C 710 -46.04 0.94 -38.90
N HIS C 711 -45.49 1.75 -38.00
CA HIS C 711 -45.25 3.18 -38.25
C HIS C 711 -43.95 3.44 -39.03
N ILE C 712 -43.95 4.52 -39.82
CA ILE C 712 -43.02 4.72 -40.93
C ILE C 712 -41.59 5.18 -40.60
N LEU C 713 -41.29 5.56 -39.36
CA LEU C 713 -40.09 6.34 -39.06
C LEU C 713 -38.76 5.63 -39.40
N PHE C 714 -37.81 6.39 -39.91
CA PHE C 714 -36.38 6.05 -40.02
C PHE C 714 -35.55 7.33 -39.96
N LEU C 715 -34.33 7.30 -39.39
CA LEU C 715 -33.53 8.51 -39.19
C LEU C 715 -32.04 8.29 -38.88
N GLU C 716 -31.23 9.35 -39.03
CA GLU C 716 -29.86 9.42 -38.51
C GLU C 716 -29.45 10.87 -38.17
N GLY C 717 -28.60 11.06 -37.16
CA GLY C 717 -28.16 12.40 -36.73
C GLY C 717 -29.30 13.34 -36.27
N GLY C 718 -30.45 12.78 -35.89
CA GLY C 718 -31.70 13.50 -35.61
C GLY C 718 -32.56 13.84 -36.84
N ALA C 719 -32.06 13.63 -38.06
CA ALA C 719 -32.80 13.89 -39.30
C ALA C 719 -33.60 12.65 -39.75
N ILE C 720 -34.92 12.78 -39.87
CA ILE C 720 -35.78 11.74 -40.41
C ILE C 720 -35.63 11.59 -41.93
N ARG C 721 -35.74 10.35 -42.44
CA ARG C 721 -35.58 10.00 -43.85
C ARG C 721 -36.67 9.03 -44.38
N GLU C 722 -37.79 8.92 -43.66
CA GLU C 722 -38.95 8.10 -44.00
C GLU C 722 -40.25 8.65 -43.38
N GLY C 723 -41.41 8.28 -43.91
CA GLY C 723 -42.72 8.75 -43.45
C GLY C 723 -43.91 8.09 -44.16
N GLY C 724 -45.11 8.27 -43.60
CA GLY C 724 -46.37 7.70 -44.08
C GLY C 724 -46.55 6.21 -43.72
N THR C 725 -45.67 5.36 -44.24
CA THR C 725 -45.54 3.94 -43.89
C THR C 725 -44.11 3.45 -44.18
N HIS C 726 -43.67 2.33 -43.57
CA HIS C 726 -42.39 1.72 -43.93
C HIS C 726 -42.37 1.23 -45.39
N GLN C 727 -43.53 0.76 -45.86
CA GLN C 727 -43.80 0.44 -47.26
C GLN C 727 -43.70 1.67 -48.17
N GLN C 728 -44.22 2.82 -47.73
CA GLN C 728 -44.05 4.11 -48.41
C GLN C 728 -42.59 4.58 -48.43
N LEU C 729 -41.84 4.38 -47.35
CA LEU C 729 -40.41 4.71 -47.26
C LEU C 729 -39.54 3.88 -48.21
N MET C 730 -39.92 2.62 -48.46
CA MET C 730 -39.29 1.79 -49.50
C MET C 730 -39.72 2.21 -50.92
N GLU C 731 -41.03 2.38 -51.17
CA GLU C 731 -41.57 2.73 -52.49
C GLU C 731 -41.19 4.12 -52.99
N LYS C 732 -40.92 5.07 -52.09
CA LYS C 732 -40.47 6.42 -52.43
C LYS C 732 -39.02 6.49 -52.96
N LYS C 733 -38.25 5.40 -52.89
CA LYS C 733 -36.84 5.35 -53.31
C LYS C 733 -35.91 6.37 -52.61
N GLY C 734 -36.31 6.89 -51.45
CA GLY C 734 -35.55 7.86 -50.66
C GLY C 734 -34.45 7.25 -49.80
N CYS C 735 -33.95 8.01 -48.83
CA CYS C 735 -32.85 7.59 -47.96
C CYS C 735 -33.14 6.33 -47.13
N TYR C 736 -34.39 6.10 -46.74
CA TYR C 736 -34.83 4.85 -46.10
C TYR C 736 -34.72 3.63 -47.03
N TRP C 737 -35.10 3.78 -48.30
CA TRP C 737 -34.94 2.74 -49.32
C TRP C 737 -33.47 2.51 -49.73
N ALA C 738 -32.67 3.58 -49.78
CA ALA C 738 -31.22 3.49 -50.03
C ALA C 738 -30.48 2.76 -48.89
N MET C 739 -30.83 3.01 -47.63
CA MET C 739 -30.31 2.25 -46.48
C MET C 739 -30.86 0.82 -46.38
N VAL C 740 -32.05 0.56 -46.93
CA VAL C 740 -32.65 -0.76 -47.05
C VAL C 740 -32.10 -1.60 -48.23
N GLN C 741 -31.33 -1.00 -49.14
CA GLN C 741 -30.74 -1.64 -50.32
C GLN C 741 -29.59 -2.60 -50.00
#